data_1EE2
#
_entry.id   1EE2
#
_cell.length_a   55.030
_cell.length_b   73.160
_cell.length_c   92.490
_cell.angle_alpha   90.00
_cell.angle_beta   102.48
_cell.angle_gamma   90.00
#
_symmetry.space_group_name_H-M   'P 1 21 1'
#
loop_
_entity.id
_entity.type
_entity.pdbx_description
1 polymer 'ALCOHOL DEHYDROGENASE'
2 non-polymer 'ZINC ION'
3 non-polymer NICOTINAMIDE-ADENINE-DINUCLEOTIDE
4 non-polymer 'CHOLIC ACID'
5 water water
#
_entity_poly.entity_id   1
_entity_poly.type   'polypeptide(L)'
_entity_poly.pdbx_seq_one_letter_code
;STAGKVIKCKAAVLWEQKKPFSIEEVEVAPPKAHEVRIKMVAAGICRSDDHVVSGTLVAPLPVIAGHEAAGIVESIGEGV
TTVRPGDKVIPLFIPQCGKCSVCKHPEGNLCLKNLSMPRGTMQDGTSRFTCRGKPIHHFLGTSTFSQYTVVDEISVAKID
AASPLEKVCLVGCGFSTGYGSAVKVAKVTQGSTCAVFGLGGVGLSVIMGCKAAGAARIIGVDINKDKFAKAKEVGATECV
NPQDYKKPIQEVLTEMSNGGVDFSFEVIGRLDTMVAALSCCQEAYGVSVIVGVPPDSQNLSMNPMLLLSGRTWKGAIFGG
FKSKDSVPKLVADFMAKKFALDPLITHVLPFEKINEGFDLLRSGKSIRTILTF
;
_entity_poly.pdbx_strand_id   A,B
#
# COMPACT_ATOMS: atom_id res chain seq x y z
N SER A 1 40.82 33.50 -4.98
CA SER A 1 40.25 33.32 -3.61
C SER A 1 40.48 31.88 -3.30
N THR A 2 39.46 31.16 -2.79
CA THR A 2 39.62 29.69 -2.71
C THR A 2 39.24 28.92 -3.96
N ALA A 3 38.61 29.55 -4.93
CA ALA A 3 38.21 28.84 -6.14
C ALA A 3 39.35 28.08 -6.77
N GLY A 4 39.19 26.85 -7.17
CA GLY A 4 40.25 26.05 -7.80
C GLY A 4 41.30 25.44 -6.86
N LYS A 5 41.17 25.77 -5.56
CA LYS A 5 42.12 25.28 -4.60
C LYS A 5 41.54 24.34 -3.57
N VAL A 6 42.37 23.52 -2.99
CA VAL A 6 41.96 22.63 -1.89
C VAL A 6 41.71 23.56 -0.73
N ILE A 7 40.57 23.33 0.00
CA ILE A 7 40.30 24.15 1.18
C ILE A 7 40.54 23.36 2.43
N LYS A 8 41.16 23.84 3.46
CA LYS A 8 41.36 23.09 4.72
C LYS A 8 40.31 23.73 5.63
N CYS A 9 39.47 22.87 6.21
CA CYS A 9 38.40 23.43 7.07
C CYS A 9 38.04 22.39 8.09
N LYS A 10 37.10 22.81 8.94
CA LYS A 10 36.63 21.91 10.03
C LYS A 10 35.47 21.04 9.60
N ALA A 11 35.46 19.77 9.99
CA ALA A 11 34.33 18.92 9.67
C ALA A 11 34.12 17.93 10.82
N ALA A 12 32.99 17.25 10.82
CA ALA A 12 32.66 16.23 11.82
C ALA A 12 32.80 14.93 11.12
N VAL A 13 33.89 14.17 11.48
CA VAL A 13 34.17 12.88 10.86
C VAL A 13 33.75 11.72 11.72
N LEU A 14 33.00 10.78 11.22
CA LEU A 14 32.56 9.61 11.98
C LEU A 14 33.49 8.49 11.53
N TRP A 15 34.39 8.09 12.46
CA TRP A 15 35.35 7.04 12.13
C TRP A 15 34.86 5.68 12.53
N GLU A 16 33.96 5.57 13.49
CA GLU A 16 33.47 4.28 13.96
C GLU A 16 32.06 4.34 14.48
N GLN A 17 31.25 3.30 14.32
CA GLN A 17 29.93 3.30 14.85
C GLN A 17 29.94 3.49 16.35
N LYS A 18 28.89 4.06 16.94
CA LYS A 18 28.68 4.25 18.34
C LYS A 18 29.74 5.05 19.09
N LYS A 19 30.45 5.90 18.38
CA LYS A 19 31.42 6.78 18.95
C LYS A 19 31.07 8.19 18.57
N PRO A 20 31.53 9.19 19.29
CA PRO A 20 31.34 10.56 19.03
C PRO A 20 31.93 10.99 17.68
N PHE A 21 31.29 11.99 17.04
CA PHE A 21 31.90 12.54 15.84
C PHE A 21 33.18 13.22 16.26
N SER A 22 34.20 13.14 15.38
CA SER A 22 35.49 13.81 15.64
C SER A 22 35.51 15.12 14.92
N ILE A 23 35.56 16.25 15.60
CA ILE A 23 35.57 17.59 14.96
C ILE A 23 37.03 17.90 14.73
N GLU A 24 37.45 17.89 13.46
CA GLU A 24 38.84 18.12 13.12
C GLU A 24 38.99 18.60 11.70
N GLU A 25 40.22 18.94 11.32
CA GLU A 25 40.47 19.49 9.99
C GLU A 25 40.43 18.43 8.92
N VAL A 26 39.80 18.82 7.78
CA VAL A 26 39.73 17.99 6.59
C VAL A 26 40.21 18.83 5.42
N GLU A 27 40.50 18.17 4.32
CA GLU A 27 40.88 18.87 3.06
C GLU A 27 39.73 18.57 2.12
N VAL A 28 39.16 19.62 1.52
CA VAL A 28 38.04 19.53 0.59
C VAL A 28 38.55 19.95 -0.78
N ALA A 29 38.47 19.01 -1.70
CA ALA A 29 38.96 19.26 -3.06
C ALA A 29 38.10 20.21 -3.80
N PRO A 30 38.54 20.93 -4.81
CA PRO A 30 37.70 21.80 -5.59
C PRO A 30 36.77 20.94 -6.42
N PRO A 31 35.67 21.55 -6.84
CA PRO A 31 34.69 20.82 -7.61
C PRO A 31 35.13 20.47 -9.03
N LYS A 32 34.75 19.23 -9.40
CA LYS A 32 35.04 18.78 -10.80
C LYS A 32 33.89 19.22 -11.64
N ALA A 33 33.87 18.77 -12.93
CA ALA A 33 32.77 19.15 -13.79
C ALA A 33 31.43 18.66 -13.19
N HIS A 34 30.53 19.61 -13.32
CA HIS A 34 29.14 19.40 -12.86
C HIS A 34 29.07 19.18 -11.33
N GLU A 35 29.96 19.81 -10.63
CA GLU A 35 29.95 19.74 -9.14
C GLU A 35 29.92 21.13 -8.54
N VAL A 36 29.50 21.24 -7.28
CA VAL A 36 29.33 22.54 -6.64
C VAL A 36 29.96 22.54 -5.28
N ARG A 37 30.85 23.44 -4.91
CA ARG A 37 31.44 23.48 -3.55
C ARG A 37 30.66 24.57 -2.78
N ILE A 38 30.18 24.13 -1.61
CA ILE A 38 29.29 24.98 -0.79
C ILE A 38 29.83 25.30 0.58
N LYS A 39 29.76 26.55 1.01
CA LYS A 39 30.16 26.98 2.36
C LYS A 39 28.88 26.77 3.18
N MET A 40 28.95 25.86 4.15
CA MET A 40 27.71 25.61 4.92
C MET A 40 27.44 26.73 5.88
N VAL A 41 26.14 27.01 6.08
CA VAL A 41 25.71 28.07 7.03
C VAL A 41 24.96 27.41 8.20
N ALA A 42 24.11 26.44 7.92
CA ALA A 42 23.38 25.78 9.01
C ALA A 42 23.03 24.37 8.61
N ALA A 43 23.05 23.48 9.62
CA ALA A 43 22.68 22.09 9.37
C ALA A 43 21.78 21.64 10.52
N GLY A 44 20.77 20.83 10.18
CA GLY A 44 19.92 20.28 11.24
C GLY A 44 20.42 18.88 11.56
N ILE A 45 20.04 18.41 12.76
CA ILE A 45 20.38 17.04 13.17
C ILE A 45 19.11 16.21 12.99
N CYS A 46 19.09 15.29 12.05
CA CYS A 46 17.99 14.40 11.70
C CYS A 46 18.27 13.03 12.35
N ARG A 47 17.23 12.36 12.77
CA ARG A 47 17.44 11.00 13.34
C ARG A 47 18.13 10.08 12.33
N SER A 48 18.03 10.25 11.01
CA SER A 48 18.73 9.35 10.09
C SER A 48 20.22 9.59 10.19
N ASP A 49 20.72 10.79 10.54
CA ASP A 49 22.19 10.94 10.71
C ASP A 49 22.59 10.06 11.92
N ASP A 50 21.74 10.08 13.01
CA ASP A 50 22.03 9.22 14.20
C ASP A 50 21.96 7.78 13.79
N HIS A 51 21.10 7.33 12.88
CA HIS A 51 21.04 5.96 12.44
C HIS A 51 22.41 5.54 11.91
N VAL A 52 23.21 6.41 11.32
CA VAL A 52 24.56 5.98 10.83
C VAL A 52 25.45 5.71 12.05
N VAL A 53 25.34 6.51 13.08
CA VAL A 53 26.15 6.28 14.30
C VAL A 53 25.69 5.06 15.04
N SER A 54 24.39 4.77 15.10
CA SER A 54 23.99 3.56 15.88
C SER A 54 24.06 2.28 15.11
N GLY A 55 24.19 2.25 13.82
CA GLY A 55 24.21 1.03 13.05
C GLY A 55 22.86 0.66 12.48
N THR A 56 21.83 1.47 12.81
CA THR A 56 20.47 1.29 12.24
C THR A 56 20.63 1.38 10.71
N LEU A 57 21.42 2.34 10.20
CA LEU A 57 21.74 2.47 8.82
C LEU A 57 23.23 2.06 8.70
N VAL A 58 23.58 1.29 7.69
CA VAL A 58 24.96 0.87 7.49
C VAL A 58 25.51 1.71 6.34
N ALA A 59 26.46 2.55 6.59
CA ALA A 59 27.11 3.40 5.61
C ALA A 59 28.61 3.16 5.76
N PRO A 60 29.35 3.15 4.67
CA PRO A 60 30.77 2.94 4.69
C PRO A 60 31.45 4.03 5.52
N LEU A 61 32.38 3.69 6.42
CA LEU A 61 33.13 4.54 7.29
C LEU A 61 34.60 4.55 6.89
N PRO A 62 35.32 5.60 7.16
CA PRO A 62 34.90 6.80 7.82
C PRO A 62 34.03 7.66 6.89
N VAL A 63 33.18 8.47 7.48
CA VAL A 63 32.29 9.30 6.67
C VAL A 63 31.99 10.64 7.26
N ILE A 64 31.64 11.56 6.34
CA ILE A 64 31.16 12.87 6.74
C ILE A 64 29.65 12.75 6.48
N ALA A 65 28.88 12.71 7.59
CA ALA A 65 27.41 12.57 7.48
C ALA A 65 26.81 13.97 7.36
N GLY A 66 25.48 14.04 7.56
CA GLY A 66 24.80 15.32 7.45
C GLY A 66 24.11 15.39 6.08
N HIS A 67 22.81 15.71 6.10
CA HIS A 67 22.03 15.81 4.87
C HIS A 67 20.93 16.86 4.95
N GLU A 68 20.67 17.52 6.05
CA GLU A 68 19.61 18.53 6.20
C GLU A 68 20.35 19.82 6.43
N ALA A 69 20.49 20.67 5.36
CA ALA A 69 21.33 21.84 5.58
C ALA A 69 21.13 22.88 4.50
N ALA A 70 21.83 24.03 4.73
CA ALA A 70 21.75 25.09 3.71
C ALA A 70 23.08 25.84 3.75
N GLY A 71 23.49 26.39 2.61
CA GLY A 71 24.75 27.13 2.59
C GLY A 71 24.75 28.07 1.36
N ILE A 72 25.98 28.53 1.09
CA ILE A 72 26.21 29.52 0.01
C ILE A 72 27.23 28.97 -0.91
N VAL A 73 26.97 29.00 -2.24
CA VAL A 73 27.98 28.46 -3.17
C VAL A 73 29.31 29.23 -3.11
N GLU A 74 30.38 28.47 -2.93
CA GLU A 74 31.72 29.09 -2.92
C GLU A 74 32.30 28.99 -4.30
N SER A 75 32.07 27.90 -5.02
CA SER A 75 32.62 27.79 -6.41
C SER A 75 31.91 26.68 -7.16
N ILE A 76 31.97 26.70 -8.49
CA ILE A 76 31.33 25.68 -9.33
C ILE A 76 32.33 25.12 -10.31
N GLY A 77 32.07 23.88 -10.68
CA GLY A 77 32.97 23.22 -11.64
C GLY A 77 32.36 23.52 -13.01
N GLU A 78 33.20 23.08 -13.98
CA GLU A 78 32.87 23.20 -15.40
C GLU A 78 31.50 22.62 -15.72
N GLY A 79 30.70 23.36 -16.49
CA GLY A 79 29.40 22.84 -16.90
C GLY A 79 28.25 23.15 -15.95
N VAL A 80 28.49 23.71 -14.77
CA VAL A 80 27.33 23.99 -13.90
C VAL A 80 26.55 25.18 -14.41
N THR A 81 25.25 25.05 -14.52
CA THR A 81 24.41 26.16 -15.00
C THR A 81 23.27 26.55 -14.09
N THR A 82 22.96 25.68 -13.10
CA THR A 82 21.77 25.93 -12.27
C THR A 82 22.03 26.72 -10.99
N VAL A 83 23.30 26.86 -10.62
CA VAL A 83 23.68 27.66 -9.45
C VAL A 83 24.92 28.41 -9.82
N ARG A 84 25.20 29.50 -9.06
CA ARG A 84 26.38 30.32 -9.27
C ARG A 84 27.05 30.67 -7.95
N PRO A 85 28.28 30.99 -7.86
CA PRO A 85 28.94 31.43 -6.66
C PRO A 85 28.13 32.54 -5.98
N GLY A 86 27.90 32.45 -4.69
CA GLY A 86 27.12 33.48 -3.99
C GLY A 86 25.65 33.10 -3.83
N ASP A 87 25.14 32.10 -4.58
CA ASP A 87 23.77 31.75 -4.39
C ASP A 87 23.58 30.91 -3.12
N LYS A 88 22.43 31.17 -2.46
CA LYS A 88 22.05 30.33 -1.31
C LYS A 88 21.44 29.07 -1.95
N VAL A 89 21.81 27.90 -1.30
CA VAL A 89 21.41 26.62 -1.78
C VAL A 89 21.14 25.62 -0.65
N ILE A 90 20.35 24.62 -1.09
CA ILE A 90 20.06 23.49 -0.16
C ILE A 90 20.53 22.23 -0.86
N PRO A 91 21.40 21.42 -0.24
CA PRO A 91 21.83 20.15 -0.84
C PRO A 91 20.62 19.20 -0.86
N LEU A 92 20.52 18.36 -1.89
CA LEU A 92 19.37 17.48 -2.02
C LEU A 92 19.83 16.05 -1.74
N PHE A 93 19.34 15.49 -0.66
CA PHE A 93 19.82 14.09 -0.36
C PHE A 93 19.27 13.07 -1.33
N ILE A 94 18.25 13.34 -2.12
CA ILE A 94 17.77 12.52 -3.21
C ILE A 94 17.94 13.52 -4.39
N PRO A 95 18.65 13.11 -5.42
CA PRO A 95 18.84 14.05 -6.55
C PRO A 95 17.63 14.12 -7.44
N GLN A 96 17.69 15.06 -8.42
CA GLN A 96 16.64 15.16 -9.44
C GLN A 96 17.42 15.38 -10.79
N CYS A 97 17.79 14.26 -11.45
CA CYS A 97 18.52 14.46 -12.74
C CYS A 97 17.61 15.03 -13.79
N GLY A 98 16.29 14.86 -13.74
CA GLY A 98 15.34 15.42 -14.74
C GLY A 98 15.38 14.55 -15.98
N LYS A 99 16.16 13.52 -16.17
CA LYS A 99 16.15 12.78 -17.43
C LYS A 99 15.83 11.33 -17.33
N CYS A 100 15.83 10.79 -16.10
CA CYS A 100 15.57 9.35 -15.99
C CYS A 100 14.06 9.11 -15.99
N SER A 101 13.69 7.84 -16.09
CA SER A 101 12.28 7.48 -16.15
C SER A 101 11.50 7.78 -14.86
N VAL A 102 12.21 7.80 -13.71
CA VAL A 102 11.52 8.12 -12.45
C VAL A 102 11.30 9.63 -12.40
N CYS A 103 12.33 10.40 -12.81
CA CYS A 103 12.18 11.87 -12.84
C CYS A 103 11.04 12.29 -13.81
N LYS A 104 10.83 11.48 -14.87
CA LYS A 104 9.76 11.84 -15.80
C LYS A 104 8.40 11.34 -15.39
N HIS A 105 8.30 10.46 -14.41
CA HIS A 105 7.02 9.90 -13.95
C HIS A 105 6.28 10.92 -13.14
N PRO A 106 4.97 11.09 -13.20
CA PRO A 106 4.24 12.08 -12.45
C PRO A 106 4.31 11.92 -10.95
N GLU A 107 4.49 10.72 -10.44
N GLU A 107 4.46 10.70 -10.44
CA GLU A 107 4.54 10.59 -9.00
CA GLU A 107 4.50 10.38 -9.03
C GLU A 107 5.88 10.17 -8.42
C GLU A 107 5.75 9.83 -8.34
N GLY A 108 6.73 9.47 -9.13
CA GLY A 108 7.96 9.04 -8.47
C GLY A 108 8.94 10.16 -8.12
N ASN A 109 9.74 9.91 -7.07
CA ASN A 109 10.77 10.94 -6.78
C ASN A 109 12.11 10.31 -6.53
N LEU A 110 12.31 8.99 -6.53
CA LEU A 110 13.57 8.33 -6.30
C LEU A 110 14.36 8.16 -7.60
N CYS A 111 14.96 9.35 -7.89
CA CYS A 111 15.77 9.45 -9.11
C CYS A 111 16.73 8.30 -9.26
N LEU A 112 16.87 7.73 -10.44
CA LEU A 112 17.77 6.60 -10.58
C LEU A 112 19.21 7.00 -10.37
N LYS A 113 19.61 8.26 -10.28
CA LYS A 113 21.03 8.52 -9.98
C LYS A 113 21.22 8.59 -8.49
N ASN A 114 20.24 8.29 -7.65
CA ASN A 114 20.45 8.39 -6.21
C ASN A 114 21.61 7.54 -5.70
N LEU A 115 22.31 8.20 -4.75
CA LEU A 115 23.45 7.57 -4.05
C LEU A 115 22.95 7.19 -2.67
N SER A 116 22.57 5.90 -2.52
CA SER A 116 22.04 5.52 -1.18
C SER A 116 23.13 5.04 -0.25
N MET A 117 22.81 4.31 0.79
CA MET A 117 23.76 3.89 1.83
C MET A 117 25.04 3.18 1.37
N PRO A 118 25.01 2.23 0.45
CA PRO A 118 26.22 1.57 0.10
C PRO A 118 27.19 2.35 -0.75
N ARG A 119 26.73 3.45 -1.34
N ARG A 119 26.78 3.45 -1.38
CA ARG A 119 27.48 4.31 -2.23
CA ARG A 119 27.81 4.07 -2.23
C ARG A 119 27.93 5.66 -1.68
C ARG A 119 29.05 4.64 -1.57
N GLY A 120 28.89 5.64 -0.79
CA GLY A 120 29.62 6.56 -0.02
C GLY A 120 30.62 7.40 -0.80
N THR A 121 30.15 7.85 -2.00
CA THR A 121 30.95 8.63 -2.90
C THR A 121 30.19 9.72 -3.61
N MET A 122 30.89 10.45 -4.53
CA MET A 122 30.19 11.38 -5.40
C MET A 122 29.66 10.56 -6.59
N GLN A 123 28.92 11.18 -7.55
CA GLN A 123 28.45 10.43 -8.70
C GLN A 123 29.58 9.76 -9.48
N ASP A 124 30.75 10.36 -9.55
CA ASP A 124 31.82 9.66 -10.30
C ASP A 124 32.49 8.57 -9.53
N GLY A 125 32.03 8.15 -8.35
CA GLY A 125 32.67 7.07 -7.64
C GLY A 125 33.84 7.38 -6.78
N THR A 126 34.22 8.68 -6.69
CA THR A 126 35.35 9.09 -5.90
C THR A 126 34.94 10.05 -4.76
N SER A 127 35.93 10.39 -3.92
CA SER A 127 35.67 11.29 -2.80
C SER A 127 36.36 12.62 -2.94
N ARG A 128 35.75 13.67 -2.37
CA ARG A 128 36.35 15.00 -2.37
C ARG A 128 36.95 15.33 -1.02
N PHE A 129 36.91 14.42 -0.03
CA PHE A 129 37.42 14.64 1.28
C PHE A 129 38.60 13.74 1.74
N THR A 130 39.53 14.47 2.36
CA THR A 130 40.68 13.77 2.94
C THR A 130 40.81 14.23 4.38
N CYS A 131 41.20 13.31 5.29
CA CYS A 131 41.38 13.63 6.70
C CYS A 131 42.56 12.79 7.20
N ARG A 132 43.56 13.52 7.76
CA ARG A 132 44.78 12.81 8.24
C ARG A 132 45.39 12.08 7.08
N GLY A 133 45.26 12.56 5.83
CA GLY A 133 45.77 11.95 4.64
C GLY A 133 44.98 10.77 4.08
N LYS A 134 43.84 10.41 4.67
CA LYS A 134 43.02 9.31 4.26
C LYS A 134 41.72 9.75 3.60
N PRO A 135 41.32 9.12 2.57
CA PRO A 135 40.06 9.44 1.88
C PRO A 135 38.90 9.14 2.82
N ILE A 136 37.89 10.05 2.77
CA ILE A 136 36.72 9.87 3.66
C ILE A 136 35.48 9.73 2.77
N HIS A 137 34.53 8.89 3.17
CA HIS A 137 33.34 8.74 2.37
C HIS A 137 32.34 9.86 2.52
N HIS A 138 31.56 10.00 1.46
CA HIS A 138 30.43 10.97 1.42
C HIS A 138 29.24 10.22 1.90
N PHE A 139 28.14 10.95 2.18
CA PHE A 139 26.86 10.39 2.64
C PHE A 139 25.73 11.07 1.87
N LEU A 140 24.92 10.22 1.19
CA LEU A 140 23.72 10.68 0.44
C LEU A 140 24.12 11.71 -0.60
N GLY A 141 25.39 11.72 -0.99
CA GLY A 141 25.87 12.72 -1.95
C GLY A 141 25.86 14.10 -1.35
N THR A 142 25.63 14.33 -0.08
CA THR A 142 25.55 15.67 0.49
C THR A 142 26.59 15.97 1.52
N SER A 143 26.86 15.09 2.54
CA SER A 143 27.93 15.32 3.52
C SER A 143 28.00 16.74 4.02
N THR A 144 26.90 17.14 4.70
CA THR A 144 26.82 18.54 5.17
C THR A 144 27.39 18.87 6.54
N PHE A 145 27.92 17.82 7.27
CA PHE A 145 28.53 18.22 8.57
C PHE A 145 29.99 18.59 8.38
N SER A 146 30.19 19.68 7.57
CA SER A 146 31.52 20.19 7.24
C SER A 146 31.36 21.64 6.89
N GLN A 147 32.40 22.45 7.22
CA GLN A 147 32.30 23.88 6.89
C GLN A 147 32.17 23.99 5.39
N TYR A 148 32.73 23.09 4.59
CA TYR A 148 32.55 23.11 3.16
C TYR A 148 32.29 21.71 2.67
N THR A 149 31.41 21.55 1.68
CA THR A 149 31.15 20.26 1.07
C THR A 149 31.17 20.41 -0.43
N VAL A 150 31.21 19.31 -1.14
CA VAL A 150 31.17 19.32 -2.61
C VAL A 150 30.01 18.33 -2.97
N VAL A 151 29.10 18.80 -3.82
CA VAL A 151 27.96 17.98 -4.23
C VAL A 151 27.76 17.98 -5.74
N ASP A 152 27.17 16.96 -6.26
CA ASP A 152 26.89 16.93 -7.69
C ASP A 152 25.78 17.93 -7.96
N GLU A 153 25.82 18.54 -9.15
CA GLU A 153 24.76 19.54 -9.49
C GLU A 153 23.33 19.02 -9.37
N ILE A 154 23.05 17.76 -9.73
CA ILE A 154 21.72 17.21 -9.62
C ILE A 154 21.33 17.08 -8.15
N SER A 155 22.22 17.26 -7.21
CA SER A 155 21.99 17.20 -5.77
C SER A 155 22.03 18.57 -5.06
N VAL A 156 21.71 19.61 -5.83
CA VAL A 156 21.69 20.94 -5.14
C VAL A 156 20.65 21.79 -5.83
N ALA A 157 19.94 22.60 -5.01
CA ALA A 157 18.95 23.51 -5.51
C ALA A 157 19.18 24.90 -4.99
N LYS A 158 19.09 25.89 -5.92
CA LYS A 158 19.21 27.28 -5.57
C LYS A 158 17.92 27.76 -4.91
N ILE A 159 18.03 28.53 -3.83
CA ILE A 159 16.84 29.01 -3.12
C ILE A 159 16.88 30.55 -3.01
N ASP A 160 15.78 31.09 -2.49
CA ASP A 160 15.67 32.56 -2.34
C ASP A 160 16.85 33.15 -1.59
N ALA A 161 17.46 34.21 -2.19
CA ALA A 161 18.61 34.82 -1.55
C ALA A 161 18.31 35.50 -0.23
N ALA A 162 17.04 35.84 0.05
CA ALA A 162 16.67 36.47 1.28
C ALA A 162 16.29 35.44 2.37
N SER A 163 16.39 34.14 2.00
CA SER A 163 15.94 33.26 3.14
C SER A 163 16.92 33.06 4.26
N PRO A 164 16.33 32.84 5.47
CA PRO A 164 17.10 32.65 6.71
C PRO A 164 17.61 31.20 6.70
N LEU A 165 18.90 30.97 6.45
CA LEU A 165 19.38 29.58 6.32
C LEU A 165 19.30 28.79 7.61
N GLU A 166 19.30 29.46 8.72
CA GLU A 166 19.22 28.77 10.03
C GLU A 166 17.82 28.22 10.22
N LYS A 167 16.84 28.58 9.40
CA LYS A 167 15.52 28.00 9.51
C LYS A 167 15.21 27.06 8.34
N VAL A 168 15.52 27.58 7.10
CA VAL A 168 15.13 26.81 5.90
C VAL A 168 15.97 25.58 5.65
N CYS A 169 17.11 25.38 6.33
CA CYS A 169 17.85 24.09 6.22
C CYS A 169 16.80 22.99 6.53
N LEU A 170 15.72 23.18 7.31
CA LEU A 170 14.78 22.10 7.55
C LEU A 170 14.01 21.69 6.32
N VAL A 171 13.94 22.50 5.28
CA VAL A 171 13.29 22.12 4.02
C VAL A 171 14.18 21.02 3.38
N GLY A 172 15.48 20.95 3.73
CA GLY A 172 16.36 19.89 3.16
C GLY A 172 15.97 18.52 3.67
N CYS A 173 15.23 18.42 4.80
CA CYS A 173 14.83 17.07 5.11
C CYS A 173 13.50 16.99 5.92
N GLY A 174 13.63 17.32 7.19
CA GLY A 174 12.56 17.08 8.19
C GLY A 174 11.17 17.62 7.85
N PHE A 175 11.18 18.95 7.59
CA PHE A 175 9.89 19.56 7.28
C PHE A 175 9.29 19.02 6.02
N SER A 176 10.02 19.02 4.91
CA SER A 176 9.47 18.56 3.64
C SER A 176 8.99 17.14 3.66
N THR A 177 9.81 16.32 4.35
CA THR A 177 9.42 14.88 4.40
C THR A 177 8.11 14.73 5.10
N GLY A 178 7.98 15.31 6.32
CA GLY A 178 6.68 15.10 6.97
C GLY A 178 5.50 15.77 6.28
N TYR A 179 5.71 17.01 5.88
CA TYR A 179 4.60 17.74 5.25
C TYR A 179 4.16 17.06 3.98
N GLY A 180 5.13 16.69 3.11
CA GLY A 180 4.75 15.99 1.89
C GLY A 180 4.13 14.63 2.12
N SER A 181 4.61 13.93 3.17
CA SER A 181 4.03 12.63 3.45
C SER A 181 2.51 12.79 3.64
N ALA A 182 2.05 13.87 4.31
CA ALA A 182 0.61 14.06 4.47
C ALA A 182 -0.07 14.63 3.23
N VAL A 183 0.52 15.69 2.66
CA VAL A 183 -0.22 16.34 1.55
C VAL A 183 -0.01 15.76 0.19
N LYS A 184 1.09 15.11 -0.09
N LYS A 184 1.09 15.12 -0.08
CA LYS A 184 1.34 14.55 -1.39
CA LYS A 184 1.37 14.56 -1.39
C LYS A 184 1.26 13.05 -1.48
C LYS A 184 1.33 13.06 -1.50
N VAL A 185 1.79 12.35 -0.47
CA VAL A 185 1.79 10.89 -0.51
C VAL A 185 0.48 10.31 -0.04
N ALA A 186 0.11 10.63 1.21
CA ALA A 186 -1.22 10.12 1.62
C ALA A 186 -2.34 10.91 0.99
N LYS A 187 -2.21 12.16 0.68
CA LYS A 187 -3.19 13.06 0.12
C LYS A 187 -4.37 13.15 1.09
N VAL A 188 -4.02 13.50 2.38
CA VAL A 188 -5.04 13.64 3.42
C VAL A 188 -6.15 14.58 2.94
N THR A 189 -7.40 14.15 3.27
CA THR A 189 -8.60 14.90 2.86
C THR A 189 -9.22 15.71 3.95
N GLN A 190 -9.99 16.76 3.53
CA GLN A 190 -10.69 17.61 4.46
C GLN A 190 -11.65 16.82 5.34
N GLY A 191 -11.63 17.02 6.63
CA GLY A 191 -12.52 16.34 7.55
C GLY A 191 -12.14 14.93 8.00
N SER A 192 -10.96 14.51 7.54
CA SER A 192 -10.57 13.14 7.92
C SER A 192 -9.95 13.06 9.31
N THR A 193 -9.78 11.81 9.74
CA THR A 193 -9.14 11.47 11.00
C THR A 193 -7.75 10.84 10.71
N CYS A 194 -6.70 11.41 11.25
CA CYS A 194 -5.35 10.97 11.06
C CYS A 194 -4.67 10.53 12.35
N ALA A 195 -3.78 9.57 12.32
CA ALA A 195 -3.02 9.14 13.45
C ALA A 195 -1.55 9.24 13.07
N VAL A 196 -0.73 9.91 13.85
CA VAL A 196 0.68 10.09 13.54
C VAL A 196 1.53 9.44 14.61
N PHE A 197 2.28 8.42 14.30
CA PHE A 197 3.13 7.74 15.28
C PHE A 197 4.49 8.35 15.20
N GLY A 198 4.91 8.96 16.31
CA GLY A 198 6.28 9.59 16.38
C GLY A 198 6.08 11.10 16.25
N LEU A 199 6.48 11.79 17.32
CA LEU A 199 6.32 13.24 17.40
C LEU A 199 7.62 14.00 17.49
N GLY A 200 8.57 13.54 16.67
CA GLY A 200 9.87 14.24 16.49
C GLY A 200 9.59 15.29 15.46
N GLY A 201 10.72 15.80 14.90
CA GLY A 201 10.69 16.83 13.85
C GLY A 201 9.91 16.39 12.63
N VAL A 202 10.07 15.15 12.18
CA VAL A 202 9.32 14.71 10.99
C VAL A 202 7.86 14.50 11.31
N GLY A 203 7.53 13.88 12.42
CA GLY A 203 6.14 13.64 12.85
C GLY A 203 5.36 14.95 13.08
N LEU A 204 6.07 15.92 13.67
CA LEU A 204 5.41 17.22 13.81
C LEU A 204 5.12 17.81 12.45
N SER A 205 6.01 17.60 11.46
CA SER A 205 5.78 18.13 10.09
C SER A 205 4.63 17.39 9.42
N VAL A 206 4.44 16.10 9.70
CA VAL A 206 3.25 15.36 9.21
C VAL A 206 2.04 16.00 9.83
N ILE A 207 2.04 16.30 11.15
CA ILE A 207 0.86 16.99 11.75
C ILE A 207 0.62 18.32 11.04
N MET A 208 1.65 19.11 10.82
CA MET A 208 1.40 20.37 10.08
C MET A 208 0.72 20.10 8.76
N GLY A 209 1.16 19.05 8.01
CA GLY A 209 0.53 18.79 6.67
C GLY A 209 -0.90 18.28 6.89
N CYS A 210 -1.19 17.42 7.86
CA CYS A 210 -2.58 16.98 8.05
C CYS A 210 -3.43 18.19 8.39
N LYS A 211 -2.98 19.12 9.21
CA LYS A 211 -3.79 20.28 9.56
C LYS A 211 -3.94 21.12 8.33
N ALA A 212 -2.90 21.34 7.52
CA ALA A 212 -3.07 22.16 6.30
C ALA A 212 -4.02 21.57 5.32
N ALA A 213 -4.15 20.25 5.29
CA ALA A 213 -5.06 19.50 4.41
C ALA A 213 -6.47 19.52 4.99
N GLY A 214 -6.74 20.07 6.12
CA GLY A 214 -8.06 20.15 6.66
C GLY A 214 -8.54 18.97 7.49
N ALA A 215 -7.61 18.08 7.91
CA ALA A 215 -8.09 17.03 8.76
C ALA A 215 -8.87 17.56 9.99
N ALA A 216 -9.93 16.78 10.31
CA ALA A 216 -10.73 17.21 11.48
C ALA A 216 -10.19 16.75 12.80
N ARG A 217 -9.43 15.61 12.77
CA ARG A 217 -8.88 14.99 13.95
C ARG A 217 -7.45 14.53 13.70
N ILE A 218 -6.49 14.79 14.54
CA ILE A 218 -5.08 14.38 14.33
C ILE A 218 -4.60 13.83 15.67
N ILE A 219 -4.48 12.51 15.75
CA ILE A 219 -4.08 11.86 16.99
C ILE A 219 -2.57 11.62 17.02
N GLY A 220 -1.85 12.29 17.89
CA GLY A 220 -0.39 12.09 17.96
C GLY A 220 -0.16 10.90 18.84
N VAL A 221 0.82 10.03 18.63
CA VAL A 221 1.18 8.86 19.38
C VAL A 221 2.66 8.90 19.71
N ASP A 222 3.07 8.83 20.96
CA ASP A 222 4.47 8.81 21.30
C ASP A 222 4.61 8.24 22.70
N ILE A 223 5.71 7.53 22.95
CA ILE A 223 5.98 7.00 24.30
C ILE A 223 6.62 8.07 25.18
N ASN A 224 7.04 9.20 24.62
CA ASN A 224 7.63 10.31 25.39
C ASN A 224 6.57 11.38 25.52
N LYS A 225 5.88 11.40 26.71
CA LYS A 225 4.83 12.34 26.94
C LYS A 225 5.21 13.80 26.89
N ASP A 226 6.53 14.10 26.96
CA ASP A 226 6.97 15.47 26.86
C ASP A 226 6.84 16.03 25.45
N LYS A 227 6.60 15.12 24.48
CA LYS A 227 6.41 15.59 23.10
C LYS A 227 4.99 16.05 22.79
N PHE A 228 4.04 15.84 23.69
CA PHE A 228 2.64 16.14 23.38
C PHE A 228 2.23 17.60 23.28
N ALA A 229 2.88 18.39 24.19
CA ALA A 229 2.46 19.81 24.09
C ALA A 229 2.73 20.50 22.78
N LYS A 230 3.92 20.24 22.21
CA LYS A 230 4.28 20.84 20.91
C LYS A 230 3.40 20.22 19.81
N ALA A 231 3.12 18.94 19.94
CA ALA A 231 2.27 18.30 18.92
C ALA A 231 0.91 18.98 18.83
N LYS A 232 0.32 19.29 20.03
CA LYS A 232 -0.98 20.00 20.04
C LYS A 232 -0.83 21.43 19.46
N GLU A 233 0.30 22.07 19.81
CA GLU A 233 0.50 23.43 19.27
C GLU A 233 0.46 23.49 17.77
N VAL A 234 0.98 22.45 17.09
CA VAL A 234 1.00 22.44 15.63
C VAL A 234 -0.14 21.68 14.95
N GLY A 235 -1.11 21.22 15.76
CA GLY A 235 -2.29 20.62 15.13
C GLY A 235 -2.88 19.41 15.74
N ALA A 236 -2.18 18.70 16.62
CA ALA A 236 -2.80 17.48 17.15
C ALA A 236 -4.06 17.85 17.99
N THR A 237 -5.08 17.04 17.78
CA THR A 237 -6.32 17.29 18.59
C THR A 237 -6.30 16.50 19.84
N GLU A 238 -5.49 15.48 19.95
CA GLU A 238 -5.34 14.58 21.07
C GLU A 238 -4.00 13.84 20.98
N CYS A 239 -3.48 13.43 22.09
CA CYS A 239 -2.21 12.66 22.06
C CYS A 239 -2.41 11.47 22.99
N VAL A 240 -1.81 10.35 22.58
CA VAL A 240 -1.91 9.11 23.36
C VAL A 240 -0.57 8.48 23.48
N ASN A 241 -0.22 7.96 24.66
CA ASN A 241 1.01 7.28 24.92
C ASN A 241 0.69 5.84 25.01
N PRO A 242 1.14 4.92 24.20
CA PRO A 242 0.85 3.50 24.24
C PRO A 242 1.11 2.81 25.59
N GLN A 243 2.07 3.35 26.35
CA GLN A 243 2.40 2.74 27.66
C GLN A 243 1.31 3.02 28.68
N ASP A 244 0.37 3.92 28.44
CA ASP A 244 -0.70 4.18 29.42
C ASP A 244 -1.86 3.24 29.27
N TYR A 245 -1.90 2.38 28.24
CA TYR A 245 -3.04 1.52 28.03
C TYR A 245 -2.75 0.06 28.25
N LYS A 246 -3.81 -0.69 28.56
CA LYS A 246 -3.66 -2.15 28.75
C LYS A 246 -3.83 -2.85 27.42
N LYS A 247 -4.38 -2.26 26.37
CA LYS A 247 -4.57 -2.86 25.08
C LYS A 247 -3.55 -2.34 24.08
N PRO A 248 -3.25 -3.06 23.01
CA PRO A 248 -2.32 -2.65 21.97
C PRO A 248 -2.83 -1.37 21.37
N ILE A 249 -1.92 -0.47 20.97
CA ILE A 249 -2.33 0.82 20.46
C ILE A 249 -3.23 0.82 19.25
N GLN A 250 -3.06 -0.18 18.39
CA GLN A 250 -3.99 -0.19 17.20
C GLN A 250 -5.43 -0.40 17.64
N GLU A 251 -5.58 -1.18 18.76
CA GLU A 251 -6.98 -1.39 19.22
C GLU A 251 -7.54 -0.09 19.78
N VAL A 252 -6.69 0.60 20.54
CA VAL A 252 -7.09 1.89 21.12
C VAL A 252 -7.48 2.90 20.05
N LEU A 253 -6.66 3.06 18.98
CA LEU A 253 -6.92 3.99 17.89
C LEU A 253 -8.18 3.61 17.07
N THR A 254 -8.33 2.29 16.88
CA THR A 254 -9.54 1.85 16.18
C THR A 254 -10.78 2.21 16.97
N GLU A 255 -10.74 2.01 18.30
CA GLU A 255 -11.93 2.39 19.12
C GLU A 255 -12.18 3.88 19.10
N MET A 256 -11.07 4.64 19.25
CA MET A 256 -11.18 6.10 19.26
C MET A 256 -11.77 6.72 18.02
N SER A 257 -11.47 6.08 16.87
CA SER A 257 -11.93 6.56 15.56
C SER A 257 -13.19 5.84 15.12
N ASN A 258 -13.84 5.12 16.04
CA ASN A 258 -15.07 4.45 15.71
C ASN A 258 -14.96 3.52 14.51
N GLY A 259 -13.86 2.79 14.50
CA GLY A 259 -13.68 1.81 13.42
C GLY A 259 -12.41 1.89 12.60
N GLY A 260 -11.54 2.81 12.92
CA GLY A 260 -10.25 2.94 12.19
C GLY A 260 -10.15 4.35 11.60
N VAL A 261 -8.87 4.76 11.52
CA VAL A 261 -8.64 6.11 10.99
C VAL A 261 -8.58 6.18 9.47
N ASP A 262 -8.74 7.34 8.88
CA ASP A 262 -8.64 7.48 7.44
C ASP A 262 -7.19 7.40 6.98
N PHE A 263 -6.23 7.97 7.72
CA PHE A 263 -4.82 8.03 7.35
C PHE A 263 -3.95 7.84 8.54
N SER A 264 -2.96 6.96 8.47
CA SER A 264 -2.02 6.80 9.57
C SER A 264 -0.59 6.93 9.00
N PHE A 265 0.28 7.36 9.88
CA PHE A 265 1.70 7.56 9.50
C PHE A 265 2.64 6.98 10.46
N GLU A 266 3.61 6.17 10.06
CA GLU A 266 4.61 5.65 11.00
C GLU A 266 5.83 6.58 10.78
N VAL A 267 6.16 7.33 11.84
CA VAL A 267 7.29 8.28 11.75
C VAL A 267 8.23 8.06 12.90
N ILE A 268 8.58 6.80 13.14
CA ILE A 268 9.47 6.39 14.21
C ILE A 268 10.68 5.57 13.66
N GLY A 269 10.31 4.49 13.00
CA GLY A 269 11.36 3.56 12.50
C GLY A 269 11.28 2.23 13.26
N ARG A 270 10.11 1.72 13.62
CA ARG A 270 10.06 0.44 14.32
C ARG A 270 9.11 -0.53 13.58
N LEU A 271 9.48 -1.80 13.55
CA LEU A 271 8.61 -2.71 12.84
C LEU A 271 7.24 -2.83 13.51
N ASP A 272 7.20 -2.90 14.86
CA ASP A 272 5.86 -3.09 15.43
C ASP A 272 4.97 -1.91 15.23
N THR A 273 5.51 -0.67 15.22
CA THR A 273 4.62 0.50 14.99
C THR A 273 4.28 0.57 13.51
N MET A 274 5.13 0.05 12.60
CA MET A 274 4.66 0.06 11.18
C MET A 274 3.40 -0.81 11.04
N VAL A 275 3.40 -1.98 11.68
CA VAL A 275 2.26 -2.89 11.63
C VAL A 275 1.10 -2.26 12.40
N ALA A 276 1.35 -1.66 13.57
CA ALA A 276 0.22 -1.06 14.28
C ALA A 276 -0.40 0.07 13.52
N ALA A 277 0.41 0.93 12.87
CA ALA A 277 -0.13 2.05 12.08
C ALA A 277 -0.95 1.45 10.92
N LEU A 278 -0.50 0.38 10.29
CA LEU A 278 -1.37 -0.13 9.25
C LEU A 278 -2.70 -0.63 9.81
N SER A 279 -2.59 -1.39 10.91
CA SER A 279 -3.82 -1.96 11.49
C SER A 279 -4.83 -0.95 11.95
N CYS A 280 -4.35 0.23 12.46
CA CYS A 280 -5.31 1.20 12.98
C CYS A 280 -6.03 1.99 11.94
N CYS A 281 -5.63 1.82 10.63
CA CYS A 281 -6.43 2.55 9.64
C CYS A 281 -7.66 1.65 9.26
N GLN A 282 -8.71 2.31 8.78
CA GLN A 282 -10.00 1.60 8.47
C GLN A 282 -9.71 0.46 7.48
N GLU A 283 -10.27 -0.70 7.80
CA GLU A 283 -9.92 -1.92 7.01
C GLU A 283 -10.31 -1.89 5.57
N ALA A 284 -11.29 -1.12 5.16
CA ALA A 284 -11.68 -1.10 3.76
C ALA A 284 -11.14 0.06 2.93
N TYR A 285 -10.95 1.24 3.56
CA TYR A 285 -10.48 2.41 2.80
C TYR A 285 -9.34 3.17 3.45
N GLY A 286 -8.78 2.63 4.56
CA GLY A 286 -7.68 3.36 5.24
C GLY A 286 -6.43 3.37 4.41
N VAL A 287 -5.55 4.32 4.66
CA VAL A 287 -4.27 4.50 4.02
C VAL A 287 -3.20 4.66 5.08
N SER A 288 -2.12 3.89 5.09
CA SER A 288 -1.05 4.03 6.05
C SER A 288 0.23 4.31 5.35
N VAL A 289 1.01 5.30 5.69
CA VAL A 289 2.28 5.65 5.08
C VAL A 289 3.43 5.43 6.04
N ILE A 290 4.42 4.69 5.57
CA ILE A 290 5.65 4.45 6.31
C ILE A 290 6.65 5.58 5.98
N VAL A 291 7.05 6.36 6.97
CA VAL A 291 8.06 7.41 6.81
C VAL A 291 9.26 6.99 7.54
N GLY A 292 9.18 6.32 8.72
CA GLY A 292 10.38 5.94 9.46
C GLY A 292 11.31 4.90 8.79
N VAL A 293 12.62 5.06 9.14
CA VAL A 293 13.60 4.10 8.57
C VAL A 293 13.64 2.88 9.48
N PRO A 294 13.31 1.70 8.92
CA PRO A 294 13.33 0.45 9.69
C PRO A 294 14.75 0.03 10.04
N PRO A 295 14.86 -0.80 11.05
CA PRO A 295 16.17 -1.29 11.46
C PRO A 295 16.87 -2.17 10.44
N ASP A 296 18.19 -2.09 10.27
CA ASP A 296 18.89 -2.90 9.31
C ASP A 296 18.76 -4.42 9.61
N SER A 297 18.65 -5.06 8.43
CA SER A 297 18.57 -6.53 8.49
C SER A 297 17.59 -7.17 9.44
N GLN A 298 16.33 -6.63 9.29
CA GLN A 298 15.22 -7.13 10.05
C GLN A 298 13.94 -7.18 9.15
N ASN A 299 13.30 -8.32 9.16
CA ASN A 299 12.08 -8.31 8.34
C ASN A 299 10.88 -8.09 9.25
N LEU A 300 9.88 -7.47 8.66
CA LEU A 300 8.59 -7.22 9.31
C LEU A 300 7.70 -8.44 9.10
N SER A 301 6.92 -8.81 10.11
CA SER A 301 5.98 -9.91 10.06
C SER A 301 4.56 -9.32 10.14
N MET A 302 3.70 -9.67 9.18
CA MET A 302 2.31 -9.12 9.25
C MET A 302 1.33 -10.07 8.57
N ASN A 303 0.09 -9.92 8.98
CA ASN A 303 -1.03 -10.75 8.45
C ASN A 303 -1.51 -10.07 7.21
N PRO A 304 -1.40 -10.71 6.04
CA PRO A 304 -1.80 -10.15 4.77
C PRO A 304 -3.30 -9.88 4.72
N MET A 305 -4.10 -10.49 5.58
CA MET A 305 -5.50 -10.17 5.59
C MET A 305 -5.71 -8.68 5.94
N LEU A 306 -4.72 -8.02 6.55
CA LEU A 306 -4.86 -6.58 6.82
C LEU A 306 -4.91 -5.82 5.51
N LEU A 307 -4.25 -6.28 4.41
CA LEU A 307 -4.30 -5.63 3.13
C LEU A 307 -5.49 -6.11 2.29
N LEU A 308 -5.80 -7.43 2.41
CA LEU A 308 -6.89 -7.92 1.54
C LEU A 308 -8.23 -7.23 1.69
N SER A 309 -8.50 -6.75 2.91
CA SER A 309 -9.78 -6.09 3.14
C SER A 309 -9.91 -4.80 2.39
N GLY A 310 -8.79 -4.15 1.96
CA GLY A 310 -8.93 -2.89 1.20
C GLY A 310 -7.91 -1.80 1.65
N ARG A 311 -7.15 -2.06 2.71
CA ARG A 311 -6.17 -1.03 3.11
C ARG A 311 -5.09 -0.77 2.08
N THR A 312 -4.57 0.45 2.03
CA THR A 312 -3.47 0.82 1.17
C THR A 312 -2.29 1.04 2.05
N TRP A 313 -1.15 0.53 1.79
CA TRP A 313 0.09 0.67 2.55
C TRP A 313 1.11 1.24 1.64
N LYS A 314 1.80 2.28 1.91
CA LYS A 314 2.82 2.80 1.04
C LYS A 314 3.93 3.46 1.79
N GLY A 315 5.10 3.66 1.22
CA GLY A 315 6.15 4.40 1.92
C GLY A 315 6.59 5.54 0.99
N ALA A 316 7.44 6.39 1.57
CA ALA A 316 7.96 7.41 0.69
C ALA A 316 9.17 8.02 1.35
N ILE A 317 9.98 8.56 0.43
CA ILE A 317 11.19 9.31 0.79
C ILE A 317 10.93 10.80 0.53
N PHE A 318 11.45 11.64 1.46
CA PHE A 318 11.32 13.09 1.25
C PHE A 318 9.95 13.57 0.92
N GLY A 319 8.90 12.96 1.53
CA GLY A 319 7.54 13.41 1.34
C GLY A 319 7.03 13.26 -0.10
N GLY A 320 7.65 12.41 -0.89
CA GLY A 320 7.23 12.26 -2.28
C GLY A 320 7.66 13.42 -3.18
N PHE A 321 8.35 14.41 -2.65
CA PHE A 321 8.69 15.56 -3.54
C PHE A 321 9.85 15.25 -4.49
N LYS A 322 9.69 15.72 -5.73
CA LYS A 322 10.80 15.69 -6.70
C LYS A 322 11.62 16.84 -6.15
N SER A 323 12.79 16.56 -5.66
CA SER A 323 13.69 17.45 -4.92
C SER A 323 14.13 18.77 -5.50
N LYS A 324 14.66 18.75 -6.71
CA LYS A 324 15.14 20.04 -7.23
C LYS A 324 13.98 20.95 -7.65
N ASP A 325 12.89 20.38 -8.09
CA ASP A 325 11.74 21.21 -8.46
C ASP A 325 11.06 21.71 -7.18
N SER A 326 10.97 20.83 -6.15
CA SER A 326 10.26 21.28 -4.97
C SER A 326 10.92 22.13 -3.91
N VAL A 327 12.22 21.88 -3.65
CA VAL A 327 12.86 22.67 -2.57
C VAL A 327 12.81 24.17 -2.79
N PRO A 328 13.05 24.71 -3.97
CA PRO A 328 12.94 26.15 -4.13
C PRO A 328 11.50 26.63 -3.92
N LYS A 329 10.54 25.82 -4.39
CA LYS A 329 9.14 26.25 -4.15
C LYS A 329 8.79 26.26 -2.69
N LEU A 330 9.28 25.22 -1.93
CA LEU A 330 8.98 25.20 -0.49
C LEU A 330 9.61 26.37 0.21
N VAL A 331 10.88 26.75 -0.13
CA VAL A 331 11.46 27.93 0.50
C VAL A 331 10.64 29.18 0.10
N ALA A 332 10.21 29.27 -1.15
CA ALA A 332 9.43 30.48 -1.46
C ALA A 332 8.14 30.48 -0.66
N ASP A 333 7.53 29.33 -0.43
CA ASP A 333 6.27 29.25 0.34
C ASP A 333 6.56 29.66 1.77
N PHE A 334 7.72 29.25 2.38
CA PHE A 334 8.05 29.68 3.67
C PHE A 334 8.21 31.23 3.71
N MET A 335 8.88 31.80 2.68
CA MET A 335 9.09 33.27 2.64
C MET A 335 7.73 33.96 2.54
N ALA A 336 6.74 33.32 1.97
CA ALA A 336 5.37 33.86 1.83
C ALA A 336 4.49 33.55 3.05
N LYS A 337 5.10 32.94 4.07
CA LYS A 337 4.45 32.62 5.33
C LYS A 337 3.36 31.57 5.20
N LYS A 338 3.52 30.64 4.26
CA LYS A 338 2.54 29.58 4.01
C LYS A 338 2.68 28.46 5.07
N PHE A 339 3.77 28.38 5.78
CA PHE A 339 3.99 27.37 6.84
C PHE A 339 5.04 27.99 7.74
N ALA A 340 5.19 27.36 8.92
CA ALA A 340 6.13 27.79 9.93
C ALA A 340 7.12 26.68 10.27
N LEU A 341 8.37 27.13 10.50
CA LEU A 341 9.42 26.21 10.87
C LEU A 341 9.88 26.40 12.31
N ASP A 342 9.73 27.58 12.95
CA ASP A 342 10.14 27.76 14.35
C ASP A 342 9.60 26.71 15.29
N PRO A 343 8.40 26.16 15.14
CA PRO A 343 7.91 25.14 16.07
C PRO A 343 8.81 23.90 16.09
N LEU A 344 9.56 23.62 15.01
CA LEU A 344 10.41 22.44 15.04
C LEU A 344 11.77 22.66 15.66
N ILE A 345 12.17 23.94 15.80
CA ILE A 345 13.52 24.27 16.32
C ILE A 345 13.53 24.43 17.81
N THR A 346 14.13 23.51 18.54
CA THR A 346 14.12 23.68 19.99
C THR A 346 15.43 24.11 20.55
N HIS A 347 16.51 23.96 19.81
CA HIS A 347 17.87 24.24 20.25
C HIS A 347 18.74 24.71 19.12
N VAL A 348 19.67 25.58 19.42
CA VAL A 348 20.61 26.15 18.44
C VAL A 348 21.95 25.98 19.09
N LEU A 349 22.91 25.43 18.35
CA LEU A 349 24.22 25.26 18.87
C LEU A 349 25.26 25.53 17.81
N PRO A 350 26.49 25.92 18.15
CA PRO A 350 27.53 26.03 17.17
C PRO A 350 27.83 24.63 16.65
N PHE A 351 28.29 24.56 15.39
CA PHE A 351 28.66 23.29 14.78
C PHE A 351 29.59 22.46 15.62
N GLU A 352 30.54 23.14 16.30
CA GLU A 352 31.52 22.45 17.15
C GLU A 352 30.85 21.63 18.28
N LYS A 353 29.63 22.00 18.61
CA LYS A 353 28.91 21.22 19.65
C LYS A 353 28.04 20.15 19.02
N ILE A 354 28.31 19.67 17.79
CA ILE A 354 27.49 18.62 17.16
C ILE A 354 27.25 17.44 18.09
N ASN A 355 28.22 16.96 18.86
CA ASN A 355 27.93 15.79 19.71
C ASN A 355 26.90 16.15 20.75
N GLU A 356 26.94 17.29 21.35
CA GLU A 356 25.92 17.71 22.31
C GLU A 356 24.57 17.75 21.63
N GLY A 357 24.50 18.17 20.35
CA GLY A 357 23.21 18.17 19.62
C GLY A 357 22.67 16.75 19.44
N PHE A 358 23.56 15.78 19.17
CA PHE A 358 23.13 14.38 19.02
C PHE A 358 22.72 13.85 20.43
N ASP A 359 23.44 14.25 21.47
CA ASP A 359 22.97 13.74 22.79
C ASP A 359 21.62 14.35 23.12
N LEU A 360 21.27 15.56 22.72
CA LEU A 360 19.97 16.13 22.99
C LEU A 360 18.91 15.26 22.30
N LEU A 361 19.19 14.93 21.00
CA LEU A 361 18.18 14.07 20.30
C LEU A 361 18.03 12.71 20.96
N ARG A 362 19.16 12.03 21.27
CA ARG A 362 19.06 10.72 21.87
C ARG A 362 18.40 10.73 23.24
N SER A 363 18.54 11.80 23.99
CA SER A 363 17.88 11.80 25.32
C SER A 363 16.43 12.16 25.25
N GLY A 364 15.87 12.47 24.08
CA GLY A 364 14.49 12.86 23.97
C GLY A 364 14.18 14.30 24.28
N LYS A 365 15.21 15.16 24.50
CA LYS A 365 14.97 16.53 24.85
C LYS A 365 14.75 17.54 23.75
N SER A 366 15.19 17.13 22.52
CA SER A 366 14.98 18.09 21.44
C SER A 366 14.14 17.58 20.30
N ILE A 367 13.70 18.53 19.44
CA ILE A 367 13.04 18.21 18.17
C ILE A 367 14.18 18.42 17.20
N ARG A 368 14.29 19.61 16.60
CA ARG A 368 15.49 19.83 15.79
C ARG A 368 16.43 20.82 16.46
N THR A 369 17.71 20.40 16.53
CA THR A 369 18.83 21.24 16.92
C THR A 369 19.40 21.77 15.59
N ILE A 370 19.59 23.07 15.44
CA ILE A 370 20.21 23.62 14.25
C ILE A 370 21.65 23.97 14.60
N LEU A 371 22.58 23.49 13.82
CA LEU A 371 24.00 23.81 14.07
C LEU A 371 24.40 24.96 13.20
N THR A 372 25.08 25.96 13.76
CA THR A 372 25.51 27.12 12.97
CA THR A 372 25.52 27.13 13.00
C THR A 372 27.01 27.04 12.77
N PHE A 373 27.47 27.18 11.55
CA PHE A 373 28.90 27.12 11.21
C PHE A 373 29.59 28.44 11.46
N SER B 1 -47.54 -20.56 -4.10
CA SER B 1 -47.59 -22.09 -4.06
C SER B 1 -46.53 -22.53 -3.06
N THR B 2 -45.28 -22.04 -3.23
CA THR B 2 -44.29 -22.44 -2.24
C THR B 2 -44.08 -21.23 -1.30
N ALA B 3 -44.63 -20.09 -1.64
CA ALA B 3 -44.43 -18.92 -0.77
C ALA B 3 -44.98 -19.13 0.63
N GLY B 4 -44.20 -18.79 1.66
CA GLY B 4 -44.56 -18.89 3.07
C GLY B 4 -44.34 -20.28 3.64
N LYS B 5 -43.94 -21.23 2.81
CA LYS B 5 -43.73 -22.57 3.28
C LYS B 5 -42.31 -23.07 3.19
N VAL B 6 -41.94 -24.05 3.99
CA VAL B 6 -40.64 -24.63 3.90
C VAL B 6 -40.50 -25.33 2.56
N ILE B 7 -39.35 -25.26 1.91
CA ILE B 7 -39.10 -25.95 0.66
C ILE B 7 -38.17 -27.10 0.94
N LYS B 8 -38.40 -28.28 0.43
CA LYS B 8 -37.51 -29.40 0.58
C LYS B 8 -36.80 -29.46 -0.77
N CYS B 9 -35.46 -29.39 -0.80
CA CYS B 9 -34.74 -29.45 -2.05
C CYS B 9 -33.41 -30.12 -1.80
N LYS B 10 -32.54 -30.16 -2.81
CA LYS B 10 -31.23 -30.74 -2.68
C LYS B 10 -30.19 -29.58 -2.57
N ALA B 11 -29.16 -29.87 -1.77
CA ALA B 11 -28.08 -28.88 -1.64
C ALA B 11 -26.83 -29.69 -1.45
N ALA B 12 -25.69 -29.05 -1.63
CA ALA B 12 -24.38 -29.70 -1.49
C ALA B 12 -23.87 -29.28 -0.12
N VAL B 13 -23.87 -30.23 0.85
CA VAL B 13 -23.42 -29.93 2.18
C VAL B 13 -22.03 -30.46 2.40
N LEU B 14 -21.22 -29.63 3.05
CA LEU B 14 -19.83 -29.98 3.41
C LEU B 14 -19.87 -30.27 4.91
N TRP B 15 -19.71 -31.59 5.26
CA TRP B 15 -19.75 -31.95 6.68
C TRP B 15 -18.40 -32.00 7.34
N GLU B 16 -17.31 -32.06 6.58
CA GLU B 16 -15.97 -32.17 7.09
C GLU B 16 -14.95 -31.67 6.08
N GLN B 17 -13.88 -31.06 6.60
CA GLN B 17 -12.84 -30.62 5.72
C GLN B 17 -12.23 -31.76 4.95
N LYS B 18 -11.73 -31.49 3.79
CA LYS B 18 -11.06 -32.46 2.92
C LYS B 18 -11.87 -33.65 2.53
N LYS B 19 -13.20 -33.55 2.48
CA LYS B 19 -14.06 -34.61 2.07
C LYS B 19 -14.91 -34.05 0.92
N PRO B 20 -15.50 -34.92 0.14
CA PRO B 20 -16.36 -34.54 -0.94
C PRO B 20 -17.61 -33.89 -0.40
N PHE B 21 -18.28 -33.02 -1.20
CA PHE B 21 -19.55 -32.44 -0.84
C PHE B 21 -20.60 -33.56 -0.89
N SER B 22 -21.60 -33.47 -0.02
CA SER B 22 -22.66 -34.48 -0.03
C SER B 22 -23.93 -33.87 -0.61
N ILE B 23 -24.45 -34.42 -1.74
CA ILE B 23 -25.72 -33.87 -2.26
C ILE B 23 -26.82 -34.43 -1.37
N GLU B 24 -27.50 -33.66 -0.53
CA GLU B 24 -28.50 -34.16 0.37
C GLU B 24 -29.80 -33.44 0.33
N GLU B 25 -30.86 -33.99 0.85
CA GLU B 25 -32.11 -33.29 0.93
C GLU B 25 -31.97 -32.39 2.16
N VAL B 26 -32.32 -31.13 1.98
CA VAL B 26 -32.32 -30.10 3.00
C VAL B 26 -33.66 -29.40 3.04
N GLU B 27 -33.99 -28.76 4.17
CA GLU B 27 -35.22 -28.01 4.30
C GLU B 27 -34.77 -26.55 4.28
N VAL B 28 -35.37 -25.72 3.47
CA VAL B 28 -35.03 -24.30 3.34
C VAL B 28 -36.19 -23.50 3.89
N ALA B 29 -36.01 -22.76 5.00
CA ALA B 29 -37.13 -22.01 5.53
C ALA B 29 -37.61 -20.88 4.68
N PRO B 30 -38.82 -20.38 4.80
CA PRO B 30 -39.29 -19.25 4.04
C PRO B 30 -38.52 -18.01 4.55
N PRO B 31 -38.43 -17.01 3.71
CA PRO B 31 -37.73 -15.78 4.07
C PRO B 31 -38.38 -14.94 5.14
N LYS B 32 -37.62 -14.44 6.11
CA LYS B 32 -38.11 -13.58 7.17
C LYS B 32 -38.07 -12.15 6.63
N ALA B 33 -38.33 -11.15 7.46
CA ALA B 33 -38.32 -9.78 6.98
C ALA B 33 -36.99 -9.40 6.30
N HIS B 34 -37.17 -8.72 5.19
CA HIS B 34 -36.02 -8.26 4.41
C HIS B 34 -35.08 -9.38 3.97
N GLU B 35 -35.64 -10.54 3.65
CA GLU B 35 -34.92 -11.69 3.16
C GLU B 35 -35.56 -12.12 1.84
N VAL B 36 -34.78 -12.75 0.97
CA VAL B 36 -35.22 -13.18 -0.37
C VAL B 36 -34.88 -14.62 -0.60
N ARG B 37 -35.85 -15.45 -0.99
CA ARG B 37 -35.58 -16.88 -1.24
C ARG B 37 -35.47 -16.99 -2.75
N ILE B 38 -34.37 -17.59 -3.18
CA ILE B 38 -34.01 -17.69 -4.59
C ILE B 38 -33.82 -19.07 -5.09
N LYS B 39 -34.42 -19.35 -6.28
CA LYS B 39 -34.30 -20.59 -6.96
C LYS B 39 -32.97 -20.48 -7.73
N MET B 40 -31.95 -21.26 -7.44
CA MET B 40 -30.70 -21.12 -8.19
C MET B 40 -30.79 -21.67 -9.60
N VAL B 41 -30.11 -21.00 -10.52
CA VAL B 41 -30.10 -21.45 -11.92
C VAL B 41 -28.71 -21.85 -12.32
N ALA B 42 -27.66 -21.10 -11.90
CA ALA B 42 -26.31 -21.45 -12.25
C ALA B 42 -25.34 -20.99 -11.15
N ALA B 43 -24.32 -21.80 -10.90
CA ALA B 43 -23.33 -21.41 -9.91
C ALA B 43 -21.95 -21.74 -10.42
N GLY B 44 -20.96 -20.84 -10.25
CA GLY B 44 -19.61 -21.09 -10.67
C GLY B 44 -18.80 -21.71 -9.51
N ILE B 45 -17.75 -22.47 -9.84
CA ILE B 45 -16.88 -23.05 -8.82
C ILE B 45 -15.63 -22.15 -8.76
N CYS B 46 -15.55 -21.40 -7.64
CA CYS B 46 -14.47 -20.49 -7.38
C CYS B 46 -13.42 -21.18 -6.46
N ARG B 47 -12.16 -20.79 -6.63
CA ARG B 47 -11.12 -21.40 -5.76
C ARG B 47 -11.46 -21.06 -4.34
N SER B 48 -12.10 -19.98 -3.91
CA SER B 48 -12.38 -19.77 -2.50
C SER B 48 -13.37 -20.79 -1.96
N ASP B 49 -14.29 -21.33 -2.76
CA ASP B 49 -15.18 -22.39 -2.23
C ASP B 49 -14.28 -23.63 -1.94
N ASP B 50 -13.30 -23.91 -2.76
CA ASP B 50 -12.37 -25.03 -2.55
C ASP B 50 -11.56 -24.72 -1.31
N HIS B 51 -11.21 -23.48 -0.98
CA HIS B 51 -10.46 -23.13 0.20
C HIS B 51 -11.21 -23.61 1.46
N VAL B 52 -12.56 -23.63 1.45
CA VAL B 52 -13.34 -24.12 2.59
C VAL B 52 -13.10 -25.61 2.80
N VAL B 53 -13.05 -26.31 1.67
CA VAL B 53 -12.81 -27.76 1.71
C VAL B 53 -11.41 -28.04 2.14
N SER B 54 -10.40 -27.39 1.56
CA SER B 54 -9.03 -27.71 1.96
C SER B 54 -8.56 -27.20 3.32
N GLY B 55 -9.21 -26.29 3.93
CA GLY B 55 -8.82 -25.69 5.21
C GLY B 55 -8.03 -24.40 5.09
N THR B 56 -7.81 -23.98 3.84
CA THR B 56 -7.15 -22.68 3.63
C THR B 56 -8.03 -21.62 4.26
N LEU B 57 -9.33 -21.73 4.19
CA LEU B 57 -10.33 -20.85 4.77
C LEU B 57 -11.01 -21.73 5.86
N VAL B 58 -11.25 -21.15 7.02
CA VAL B 58 -11.88 -21.89 8.13
C VAL B 58 -13.31 -21.41 8.26
N ALA B 59 -14.29 -22.24 7.98
CA ALA B 59 -15.68 -21.83 8.08
C ALA B 59 -16.38 -22.84 8.97
N PRO B 60 -17.28 -22.39 9.83
CA PRO B 60 -18.05 -23.29 10.70
C PRO B 60 -18.73 -24.33 9.88
N LEU B 61 -18.62 -25.59 10.30
CA LEU B 61 -19.22 -26.74 9.58
C LEU B 61 -20.30 -27.33 10.44
N PRO B 62 -21.26 -27.99 9.87
CA PRO B 62 -21.46 -28.25 8.45
C PRO B 62 -21.89 -26.96 7.75
N VAL B 63 -21.62 -26.89 6.44
CA VAL B 63 -21.96 -25.65 5.71
C VAL B 63 -22.40 -25.89 4.29
N ILE B 64 -23.21 -25.00 3.72
CA ILE B 64 -23.61 -24.99 2.30
C ILE B 64 -22.77 -23.80 1.79
N ALA B 65 -21.74 -24.14 1.01
CA ALA B 65 -20.83 -23.10 0.44
C ALA B 65 -21.42 -22.60 -0.88
N GLY B 66 -20.62 -21.93 -1.69
CA GLY B 66 -21.14 -21.37 -2.95
C GLY B 66 -21.43 -19.87 -2.74
N HIS B 67 -20.87 -19.10 -3.70
CA HIS B 67 -21.06 -17.65 -3.62
C HIS B 67 -20.99 -16.93 -4.95
N GLU B 68 -20.74 -17.63 -6.06
CA GLU B 68 -20.64 -17.06 -7.40
C GLU B 68 -21.85 -17.66 -8.09
N ALA B 69 -22.96 -16.92 -8.26
CA ALA B 69 -24.13 -17.59 -8.82
C ALA B 69 -25.17 -16.58 -9.28
N ALA B 70 -26.23 -17.17 -9.91
CA ALA B 70 -27.36 -16.35 -10.38
C ALA B 70 -28.65 -17.17 -10.28
N GLY B 71 -29.79 -16.51 -10.07
CA GLY B 71 -31.02 -17.33 -9.93
C GLY B 71 -32.20 -16.45 -10.16
N ILE B 72 -33.36 -17.03 -9.77
CA ILE B 72 -34.63 -16.28 -9.98
C ILE B 72 -35.33 -16.20 -8.66
N VAL B 73 -35.85 -15.01 -8.28
CA VAL B 73 -36.53 -14.92 -6.97
C VAL B 73 -37.80 -15.78 -6.86
N GLU B 74 -37.86 -16.67 -5.89
CA GLU B 74 -39.07 -17.49 -5.67
C GLU B 74 -40.03 -16.77 -4.75
N SER B 75 -39.58 -16.13 -3.66
CA SER B 75 -40.51 -15.40 -2.81
C SER B 75 -39.72 -14.35 -2.04
N ILE B 76 -40.41 -13.35 -1.53
CA ILE B 76 -39.75 -12.30 -0.79
C ILE B 76 -40.36 -12.20 0.59
N GLY B 77 -39.57 -11.81 1.59
CA GLY B 77 -40.10 -11.66 2.96
C GLY B 77 -40.71 -10.27 3.06
N GLU B 78 -41.22 -10.06 4.29
CA GLU B 78 -41.87 -8.78 4.56
C GLU B 78 -40.91 -7.59 4.44
N GLY B 79 -41.38 -6.51 3.85
CA GLY B 79 -40.56 -5.33 3.74
C GLY B 79 -39.62 -5.24 2.55
N VAL B 80 -39.47 -6.35 1.81
CA VAL B 80 -38.57 -6.31 0.66
C VAL B 80 -39.11 -5.36 -0.43
N THR B 81 -38.26 -4.49 -0.97
CA THR B 81 -38.68 -3.58 -2.01
C THR B 81 -37.82 -3.50 -3.24
N THR B 82 -36.67 -4.16 -3.23
CA THR B 82 -35.74 -4.04 -4.34
C THR B 82 -35.81 -5.17 -5.34
N VAL B 83 -36.59 -6.22 -5.04
CA VAL B 83 -36.72 -7.36 -5.97
C VAL B 83 -38.11 -7.91 -5.79
N ARG B 84 -38.60 -8.70 -6.78
CA ARG B 84 -39.90 -9.30 -6.70
C ARG B 84 -39.83 -10.72 -7.25
N PRO B 85 -40.76 -11.62 -6.96
CA PRO B 85 -40.79 -12.96 -7.45
C PRO B 85 -40.70 -12.90 -8.99
N GLY B 86 -39.83 -13.76 -9.49
CA GLY B 86 -39.61 -13.86 -10.94
C GLY B 86 -38.44 -13.01 -11.43
N ASP B 87 -37.93 -12.09 -10.64
CA ASP B 87 -36.78 -11.33 -11.13
C ASP B 87 -35.52 -12.19 -11.12
N LYS B 88 -34.64 -11.89 -12.06
CA LYS B 88 -33.31 -12.53 -12.12
C LYS B 88 -32.47 -11.68 -11.14
N VAL B 89 -31.65 -12.51 -10.40
CA VAL B 89 -30.80 -11.83 -9.41
C VAL B 89 -29.46 -12.52 -9.21
N ILE B 90 -28.52 -11.76 -8.68
CA ILE B 90 -27.19 -12.31 -8.37
C ILE B 90 -26.99 -12.08 -6.88
N PRO B 91 -26.77 -13.13 -6.08
CA PRO B 91 -26.49 -12.99 -4.66
C PRO B 91 -25.12 -12.30 -4.52
N LEU B 92 -25.04 -11.43 -3.50
CA LEU B 92 -23.84 -10.62 -3.23
C LEU B 92 -23.09 -11.13 -2.01
N PHE B 93 -21.88 -11.63 -2.26
CA PHE B 93 -21.17 -12.17 -1.07
C PHE B 93 -20.63 -11.11 -0.12
N ILE B 94 -20.65 -9.84 -0.55
CA ILE B 94 -20.26 -8.67 0.20
C ILE B 94 -21.54 -7.83 -0.04
N PRO B 95 -22.23 -7.44 0.99
CA PRO B 95 -23.46 -6.66 0.90
C PRO B 95 -23.22 -5.21 0.66
N GLN B 96 -24.30 -4.45 0.50
CA GLN B 96 -24.20 -3.01 0.32
C GLN B 96 -25.40 -2.48 1.08
N CYS B 97 -25.23 -2.29 2.38
CA CYS B 97 -26.35 -1.74 3.19
C CYS B 97 -26.70 -0.34 2.87
N GLY B 98 -25.77 0.47 2.37
CA GLY B 98 -26.01 1.88 1.98
C GLY B 98 -25.95 2.86 3.13
N LYS B 99 -25.81 2.42 4.35
CA LYS B 99 -25.84 3.24 5.55
C LYS B 99 -24.60 3.30 6.45
N CYS B 100 -23.69 2.33 6.25
CA CYS B 100 -22.51 2.33 7.09
C CYS B 100 -21.45 3.27 6.55
N SER B 101 -20.39 3.50 7.33
CA SER B 101 -19.32 4.38 6.91
C SER B 101 -18.66 3.95 5.61
N VAL B 102 -18.50 2.62 5.39
CA VAL B 102 -17.87 2.19 4.19
C VAL B 102 -18.79 2.39 2.99
N CYS B 103 -20.08 2.03 3.18
CA CYS B 103 -20.98 2.25 2.04
C CYS B 103 -21.10 3.75 1.63
N LYS B 104 -20.97 4.62 2.61
CA LYS B 104 -21.06 6.05 2.27
C LYS B 104 -19.74 6.56 1.77
N HIS B 105 -18.64 5.83 1.90
CA HIS B 105 -17.33 6.33 1.43
C HIS B 105 -17.20 6.17 -0.04
N PRO B 106 -16.60 7.13 -0.72
CA PRO B 106 -16.46 7.00 -2.18
C PRO B 106 -15.66 5.83 -2.65
N GLU B 107 -14.68 5.26 -1.94
N GLU B 107 -14.68 5.39 -1.88
CA GLU B 107 -13.93 4.14 -2.50
CA GLU B 107 -13.83 4.30 -2.19
C GLU B 107 -14.06 2.75 -1.95
C GLU B 107 -13.46 3.46 -0.95
N GLY B 108 -14.35 2.55 -0.73
CA GLY B 108 -14.53 1.48 0.15
C GLY B 108 -15.66 0.57 -0.33
N ASN B 109 -15.47 -0.74 -0.24
CA ASN B 109 -16.61 -1.57 -0.60
C ASN B 109 -16.91 -2.67 0.43
N LEU B 110 -16.09 -2.86 1.48
CA LEU B 110 -16.37 -3.89 2.47
C LEU B 110 -17.35 -3.36 3.53
N CYS B 111 -18.64 -3.42 3.07
CA CYS B 111 -19.76 -2.96 3.95
C CYS B 111 -19.65 -3.51 5.31
N LEU B 112 -19.85 -2.83 6.37
CA LEU B 112 -19.70 -3.31 7.75
C LEU B 112 -20.68 -4.40 8.09
N LYS B 113 -21.72 -4.63 7.28
CA LYS B 113 -22.64 -5.74 7.54
C LYS B 113 -22.11 -7.05 6.92
N ASN B 114 -20.92 -7.08 6.33
CA ASN B 114 -20.44 -8.31 5.69
C ASN B 114 -20.31 -9.38 6.76
N LEU B 115 -20.70 -10.58 6.28
CA LEU B 115 -20.67 -11.87 7.01
C LEU B 115 -19.46 -12.59 6.47
N SER B 116 -18.36 -12.52 7.22
CA SER B 116 -17.16 -13.20 6.72
C SER B 116 -17.05 -14.61 7.21
N MET B 117 -15.89 -15.22 7.18
CA MET B 117 -15.75 -16.63 7.54
C MET B 117 -16.28 -17.09 8.87
N PRO B 118 -16.04 -16.40 9.94
CA PRO B 118 -16.53 -16.91 11.23
C PRO B 118 -18.01 -16.88 11.51
N ARG B 119 -18.74 -16.12 10.72
N ARG B 119 -18.78 -16.08 10.79
CA ARG B 119 -20.15 -15.85 10.71
CA ARG B 119 -20.22 -16.00 11.06
C ARG B 119 -21.02 -16.53 9.67
C ARG B 119 -21.03 -17.27 10.88
N GLY B 120 -21.18 -17.81 9.75
CA GLY B 120 -21.86 -18.89 9.13
C GLY B 120 -23.37 -18.79 9.33
N THR B 121 -24.01 -17.62 9.25
CA THR B 121 -25.42 -17.38 9.46
C THR B 121 -25.99 -16.30 8.55
N MET B 122 -27.25 -16.01 8.63
CA MET B 122 -27.87 -14.91 7.97
C MET B 122 -27.53 -13.67 8.81
N GLN B 123 -27.98 -12.50 8.35
CA GLN B 123 -27.73 -11.27 9.11
C GLN B 123 -28.30 -11.34 10.53
N ASP B 124 -29.46 -12.04 10.70
CA ASP B 124 -30.00 -12.12 12.07
C ASP B 124 -29.30 -13.13 12.95
N GLY B 125 -28.21 -13.78 12.57
CA GLY B 125 -27.48 -14.73 13.38
C GLY B 125 -28.05 -16.15 13.45
N THR B 126 -29.02 -16.43 12.60
CA THR B 126 -29.65 -17.75 12.57
C THR B 126 -29.49 -18.37 11.18
N SER B 127 -29.92 -19.64 11.06
CA SER B 127 -29.83 -20.35 9.77
C SER B 127 -31.21 -20.65 9.22
N ARG B 128 -31.28 -20.70 7.90
CA ARG B 128 -32.53 -21.04 7.18
C ARG B 128 -32.44 -22.49 6.70
N PHE B 129 -31.41 -23.23 6.95
CA PHE B 129 -31.22 -24.59 6.46
C PHE B 129 -31.18 -25.66 7.56
N THR B 130 -31.83 -26.78 7.28
CA THR B 130 -31.85 -27.91 8.21
C THR B 130 -31.56 -29.17 7.42
N CYS B 131 -30.78 -30.12 7.94
CA CYS B 131 -30.45 -31.36 7.28
C CYS B 131 -30.15 -32.40 8.37
N ARG B 132 -30.70 -33.59 8.24
CA ARG B 132 -30.39 -34.61 9.27
C ARG B 132 -30.53 -34.22 10.72
N GLY B 133 -31.63 -33.53 11.03
CA GLY B 133 -31.92 -33.09 12.39
C GLY B 133 -31.01 -32.00 12.93
N LYS B 134 -30.35 -31.28 11.99
CA LYS B 134 -29.49 -30.25 12.48
C LYS B 134 -29.48 -29.01 11.55
N PRO B 135 -29.27 -27.91 12.20
CA PRO B 135 -29.14 -26.64 11.44
C PRO B 135 -27.85 -26.73 10.69
N ILE B 136 -27.73 -26.15 9.45
CA ILE B 136 -26.55 -26.10 8.62
C ILE B 136 -26.13 -24.62 8.48
N HIS B 137 -24.81 -24.39 8.59
CA HIS B 137 -24.35 -23.01 8.47
C HIS B 137 -24.42 -22.51 7.02
N HIS B 138 -24.60 -21.19 6.99
CA HIS B 138 -24.56 -20.44 5.70
C HIS B 138 -23.07 -20.08 5.47
N PHE B 139 -22.79 -19.57 4.26
CA PHE B 139 -21.44 -19.17 3.83
C PHE B 139 -21.51 -17.84 3.11
N LEU B 140 -20.83 -16.82 3.61
CA LEU B 140 -20.77 -15.44 3.04
C LEU B 140 -22.15 -14.84 2.87
N GLY B 141 -23.18 -15.34 3.59
CA GLY B 141 -24.57 -14.85 3.48
C GLY B 141 -25.18 -15.32 2.18
N THR B 142 -24.56 -16.17 1.37
CA THR B 142 -25.12 -16.56 0.09
C THR B 142 -25.43 -18.03 -0.03
N SER B 143 -24.58 -18.98 0.34
CA SER B 143 -24.86 -20.42 0.28
C SER B 143 -25.55 -20.82 -1.03
N THR B 144 -24.87 -20.61 -2.15
CA THR B 144 -25.49 -20.86 -3.46
C THR B 144 -25.37 -22.27 -4.00
N PHE B 145 -24.71 -23.16 -3.25
CA PHE B 145 -24.67 -24.56 -3.76
C PHE B 145 -25.89 -25.34 -3.25
N SER B 146 -27.06 -24.78 -3.56
CA SER B 146 -28.36 -25.31 -3.14
C SER B 146 -29.38 -24.95 -4.18
N GLN B 147 -30.36 -25.86 -4.43
CA GLN B 147 -31.38 -25.53 -5.41
C GLN B 147 -32.11 -24.27 -5.01
N TYR B 148 -32.26 -24.06 -3.70
CA TYR B 148 -32.86 -22.87 -3.14
C TYR B 148 -32.02 -22.33 -1.97
N THR B 149 -31.85 -21.01 -1.93
CA THR B 149 -31.12 -20.39 -0.83
C THR B 149 -31.94 -19.18 -0.40
N VAL B 150 -31.58 -18.59 0.74
CA VAL B 150 -32.25 -17.43 1.32
C VAL B 150 -31.11 -16.48 1.65
N VAL B 151 -31.27 -15.27 1.12
CA VAL B 151 -30.21 -14.23 1.34
C VAL B 151 -30.81 -12.96 1.86
N ASP B 152 -30.09 -12.15 2.63
CA ASP B 152 -30.63 -10.88 3.10
C ASP B 152 -30.76 -9.96 1.90
N GLU B 153 -31.71 -8.99 1.99
CA GLU B 153 -31.91 -8.09 0.84
C GLU B 153 -30.70 -7.22 0.52
N ILE B 154 -29.89 -6.89 1.51
CA ILE B 154 -28.70 -6.06 1.21
C ILE B 154 -27.71 -6.93 0.50
N SER B 155 -27.88 -8.21 0.32
CA SER B 155 -26.99 -9.14 -0.36
C SER B 155 -27.64 -9.62 -1.69
N VAL B 156 -28.57 -8.88 -2.29
CA VAL B 156 -29.02 -9.43 -3.57
C VAL B 156 -29.23 -8.25 -4.49
N ALA B 157 -28.79 -8.45 -5.75
CA ALA B 157 -28.99 -7.45 -6.77
C ALA B 157 -29.84 -8.00 -7.92
N LYS B 158 -30.82 -7.11 -8.28
CA LYS B 158 -31.69 -7.43 -9.41
C LYS B 158 -30.91 -7.11 -10.70
N ILE B 159 -31.02 -8.02 -11.69
CA ILE B 159 -30.31 -7.84 -12.96
C ILE B 159 -31.27 -7.93 -14.16
N ASP B 160 -30.76 -7.58 -15.33
CA ASP B 160 -31.57 -7.58 -16.59
C ASP B 160 -32.32 -8.88 -16.73
N ALA B 161 -33.63 -8.82 -17.00
CA ALA B 161 -34.49 -9.97 -17.18
C ALA B 161 -34.10 -10.84 -18.36
N ALA B 162 -33.33 -10.33 -19.35
CA ALA B 162 -32.93 -11.13 -20.47
C ALA B 162 -31.52 -11.71 -20.32
N SER B 163 -30.94 -11.49 -19.10
CA SER B 163 -29.61 -12.01 -18.89
C SER B 163 -29.42 -13.46 -18.98
N PRO B 164 -28.40 -14.05 -19.55
CA PRO B 164 -28.10 -15.48 -19.64
C PRO B 164 -27.46 -15.85 -18.27
N LEU B 165 -28.26 -16.47 -17.43
CA LEU B 165 -27.70 -16.73 -16.05
C LEU B 165 -26.57 -17.70 -16.03
N GLU B 166 -26.43 -18.57 -17.00
CA GLU B 166 -25.34 -19.54 -17.04
C GLU B 166 -24.01 -18.87 -17.35
N LYS B 167 -24.03 -17.59 -17.80
CA LYS B 167 -22.84 -16.83 -18.03
C LYS B 167 -22.66 -15.73 -16.98
N VAL B 168 -23.72 -14.93 -16.68
CA VAL B 168 -23.53 -13.80 -15.76
C VAL B 168 -23.34 -14.23 -14.32
N CYS B 169 -23.49 -15.51 -13.95
CA CYS B 169 -23.16 -15.87 -12.55
C CYS B 169 -21.70 -15.46 -12.29
N LEU B 170 -20.81 -15.42 -13.27
CA LEU B 170 -19.41 -15.02 -13.05
C LEU B 170 -19.30 -13.57 -12.65
N VAL B 171 -20.31 -12.70 -12.85
CA VAL B 171 -20.24 -11.33 -12.39
C VAL B 171 -20.39 -11.39 -10.85
N GLY B 172 -20.90 -12.49 -10.27
CA GLY B 172 -21.03 -12.64 -8.79
C GLY B 172 -19.67 -12.83 -8.10
N CYS B 173 -18.60 -13.20 -8.81
CA CYS B 173 -17.33 -13.25 -8.16
C CYS B 173 -16.11 -13.13 -9.11
N GLY B 174 -15.81 -14.18 -9.85
CA GLY B 174 -14.51 -14.10 -10.52
C GLY B 174 -14.19 -13.00 -11.51
N PHE B 175 -15.21 -12.82 -12.38
CA PHE B 175 -14.96 -11.80 -13.36
C PHE B 175 -14.79 -10.42 -12.71
N SER B 176 -15.84 -10.08 -11.93
CA SER B 176 -15.87 -8.74 -11.32
C SER B 176 -14.61 -8.46 -10.45
N THR B 177 -14.22 -9.52 -9.70
CA THR B 177 -13.05 -9.32 -8.87
C THR B 177 -11.78 -9.06 -9.65
N GLY B 178 -11.55 -9.88 -10.69
CA GLY B 178 -10.33 -9.63 -11.41
C GLY B 178 -10.37 -8.31 -12.21
N TYR B 179 -11.48 -8.12 -12.93
CA TYR B 179 -11.57 -6.91 -13.71
C TYR B 179 -11.48 -5.62 -12.90
N GLY B 180 -12.21 -5.57 -11.79
CA GLY B 180 -12.15 -4.40 -10.90
C GLY B 180 -10.80 -4.23 -10.27
N SER B 181 -10.13 -5.36 -9.95
CA SER B 181 -8.81 -5.21 -9.35
C SER B 181 -7.90 -4.37 -10.24
N ALA B 182 -8.06 -4.59 -11.56
CA ALA B 182 -7.28 -3.76 -12.49
C ALA B 182 -7.83 -2.36 -12.80
N VAL B 183 -9.11 -2.29 -13.07
CA VAL B 183 -9.61 -0.94 -13.47
C VAL B 183 -10.04 -0.04 -12.36
N LYS B 184 -10.42 -0.58 -11.19
CA LYS B 184 -10.85 0.27 -10.10
C LYS B 184 -9.91 0.32 -8.93
N VAL B 185 -9.21 -0.81 -8.57
CA VAL B 185 -8.32 -0.77 -7.43
C VAL B 185 -6.92 -0.29 -7.82
N ALA B 186 -6.29 -0.98 -8.78
CA ALA B 186 -4.99 -0.51 -9.25
C ALA B 186 -5.13 0.73 -10.14
N LYS B 187 -6.22 0.89 -10.86
CA LYS B 187 -6.40 2.01 -11.80
C LYS B 187 -5.23 1.96 -12.82
N VAL B 188 -5.11 0.79 -13.47
CA VAL B 188 -4.08 0.61 -14.50
C VAL B 188 -4.14 1.75 -15.55
N THR B 189 -2.96 2.23 -15.95
CA THR B 189 -2.88 3.34 -16.91
C THR B 189 -2.49 2.82 -18.27
N GLN B 190 -2.89 3.67 -19.27
CA GLN B 190 -2.57 3.31 -20.64
C GLN B 190 -1.06 3.37 -20.89
N GLY B 191 -0.62 2.31 -21.59
CA GLY B 191 0.81 2.22 -21.87
C GLY B 191 1.71 1.61 -20.79
N SER B 192 1.07 1.17 -19.69
CA SER B 192 1.82 0.62 -18.59
C SER B 192 2.20 -0.84 -18.72
N THR B 193 3.05 -1.31 -17.82
CA THR B 193 3.50 -2.71 -17.82
C THR B 193 2.93 -3.34 -16.57
N CYS B 194 2.20 -4.40 -16.78
CA CYS B 194 1.54 -5.14 -15.72
C CYS B 194 2.05 -6.56 -15.62
N ALA B 195 2.10 -7.14 -14.44
CA ALA B 195 2.47 -8.53 -14.16
C ALA B 195 1.32 -9.18 -13.44
N VAL B 196 0.78 -10.29 -13.84
CA VAL B 196 -0.40 -10.94 -13.22
C VAL B 196 0.03 -12.30 -12.75
N PHE B 197 0.12 -12.50 -11.45
CA PHE B 197 0.51 -13.80 -10.90
C PHE B 197 -0.74 -14.61 -10.68
N GLY B 198 -0.84 -15.76 -11.41
CA GLY B 198 -2.03 -16.68 -11.31
C GLY B 198 -2.91 -16.43 -12.52
N LEU B 199 -3.12 -17.54 -13.28
CA LEU B 199 -3.90 -17.42 -14.50
C LEU B 199 -5.14 -18.26 -14.50
N GLY B 200 -5.81 -18.35 -13.37
CA GLY B 200 -7.10 -18.98 -13.19
C GLY B 200 -8.15 -17.95 -13.66
N GLY B 201 -9.39 -18.23 -13.29
CA GLY B 201 -10.49 -17.35 -13.69
C GLY B 201 -10.34 -15.90 -13.22
N VAL B 202 -9.86 -15.75 -11.97
CA VAL B 202 -9.71 -14.36 -11.50
C VAL B 202 -8.53 -13.74 -12.17
N GLY B 203 -7.38 -14.39 -12.35
CA GLY B 203 -6.22 -13.81 -13.00
C GLY B 203 -6.52 -13.43 -14.50
N LEU B 204 -7.29 -14.35 -15.17
CA LEU B 204 -7.66 -14.00 -16.55
C LEU B 204 -8.54 -12.74 -16.58
N SER B 205 -9.38 -12.59 -15.54
CA SER B 205 -10.24 -11.37 -15.50
C SER B 205 -9.37 -10.17 -15.27
N VAL B 206 -8.28 -10.26 -14.45
CA VAL B 206 -7.36 -9.17 -14.21
C VAL B 206 -6.73 -8.80 -15.56
N ILE B 207 -6.34 -9.83 -16.37
CA ILE B 207 -5.76 -9.54 -17.69
C ILE B 207 -6.80 -8.80 -18.53
N MET B 208 -8.04 -9.28 -18.53
CA MET B 208 -9.07 -8.56 -19.32
C MET B 208 -9.13 -7.11 -18.90
N GLY B 209 -9.08 -6.80 -17.61
CA GLY B 209 -9.13 -5.39 -17.13
C GLY B 209 -7.90 -4.61 -17.53
N CYS B 210 -6.69 -5.22 -17.41
CA CYS B 210 -5.48 -4.51 -17.84
C CYS B 210 -5.55 -4.20 -19.34
N LYS B 211 -6.05 -5.10 -20.17
CA LYS B 211 -6.16 -4.86 -21.61
C LYS B 211 -7.18 -3.73 -21.80
N ALA B 212 -8.33 -3.82 -21.12
CA ALA B 212 -9.34 -2.75 -21.27
C ALA B 212 -8.78 -1.40 -20.88
N ALA B 213 -7.88 -1.29 -19.95
CA ALA B 213 -7.23 -0.09 -19.47
C ALA B 213 -6.11 0.37 -20.43
N GLY B 214 -5.73 -0.38 -21.43
CA GLY B 214 -4.73 -0.02 -22.39
C GLY B 214 -3.31 -0.31 -22.01
N ALA B 215 -3.09 -1.28 -21.10
CA ALA B 215 -1.72 -1.53 -20.81
C ALA B 215 -0.93 -1.92 -22.09
N ALA B 216 0.33 -1.53 -22.11
CA ALA B 216 1.16 -1.93 -23.28
C ALA B 216 1.73 -3.33 -23.13
N ARG B 217 2.01 -3.82 -21.89
CA ARG B 217 2.57 -5.12 -21.69
C ARG B 217 1.80 -5.82 -20.57
N ILE B 218 1.38 -7.02 -20.71
CA ILE B 218 0.66 -7.74 -19.63
C ILE B 218 1.39 -9.08 -19.58
N ILE B 219 2.17 -9.30 -18.52
CA ILE B 219 2.98 -10.52 -18.34
C ILE B 219 2.25 -11.52 -17.48
N GLY B 220 1.82 -12.62 -17.98
CA GLY B 220 1.11 -13.59 -17.15
C GLY B 220 2.15 -14.51 -16.52
N VAL B 221 1.97 -14.86 -15.25
CA VAL B 221 2.88 -15.73 -14.54
C VAL B 221 2.16 -16.90 -13.96
N ASP B 222 2.55 -18.16 -14.27
CA ASP B 222 1.87 -19.32 -13.68
C ASP B 222 2.88 -20.49 -13.77
N ILE B 223 2.81 -21.36 -12.81
CA ILE B 223 3.68 -22.59 -12.83
C ILE B 223 2.99 -23.62 -13.70
N ASN B 224 1.75 -23.48 -14.15
CA ASN B 224 1.06 -24.43 -15.04
C ASN B 224 1.07 -23.81 -16.42
N LYS B 225 2.01 -24.20 -17.31
CA LYS B 225 2.09 -23.63 -18.63
C LYS B 225 0.86 -23.94 -19.51
N ASP B 226 0.00 -24.90 -19.08
CA ASP B 226 -1.21 -25.13 -19.87
C ASP B 226 -2.16 -23.94 -19.76
N LYS B 227 -1.90 -22.99 -18.82
CA LYS B 227 -2.75 -21.83 -18.69
C LYS B 227 -2.35 -20.67 -19.60
N PHE B 228 -1.22 -20.77 -20.32
CA PHE B 228 -0.75 -19.66 -21.10
C PHE B 228 -1.51 -19.35 -22.35
N ALA B 229 -2.01 -20.40 -23.05
CA ALA B 229 -2.72 -20.03 -24.29
C ALA B 229 -3.95 -19.19 -24.05
N LYS B 230 -4.72 -19.53 -23.02
CA LYS B 230 -5.92 -18.71 -22.77
C LYS B 230 -5.55 -17.32 -22.27
N ALA B 231 -4.47 -17.22 -21.47
CA ALA B 231 -4.05 -15.90 -21.00
C ALA B 231 -3.70 -14.99 -22.14
N LYS B 232 -3.02 -15.54 -23.18
CA LYS B 232 -2.68 -14.70 -24.35
C LYS B 232 -3.95 -14.40 -25.15
N GLU B 233 -4.88 -15.33 -25.21
CA GLU B 233 -6.17 -15.08 -25.92
C GLU B 233 -6.90 -13.87 -25.37
N VAL B 234 -6.83 -13.68 -24.06
CA VAL B 234 -7.54 -12.55 -23.41
C VAL B 234 -6.72 -11.29 -23.20
N GLY B 235 -5.44 -11.33 -23.61
CA GLY B 235 -4.64 -10.17 -23.55
C GLY B 235 -3.19 -10.15 -23.14
N ALA B 236 -2.76 -11.34 -22.57
CA ALA B 236 -1.35 -11.32 -22.12
C ALA B 236 -0.42 -11.15 -23.32
N THR B 237 0.58 -10.33 -23.10
CA THR B 237 1.54 -10.15 -24.23
C THR B 237 2.62 -11.15 -24.20
N GLU B 238 2.86 -11.80 -23.05
CA GLU B 238 3.92 -12.77 -22.80
C GLU B 238 3.55 -13.60 -21.54
N CYS B 239 4.07 -14.80 -21.41
CA CYS B 239 3.80 -15.57 -20.23
C CYS B 239 5.14 -16.17 -19.80
N VAL B 240 5.25 -16.22 -18.44
CA VAL B 240 6.51 -16.79 -17.89
C VAL B 240 6.16 -17.76 -16.80
N ASN B 241 6.86 -18.91 -16.81
CA ASN B 241 6.72 -19.95 -15.81
C ASN B 241 7.87 -19.87 -14.86
N PRO B 242 7.72 -19.55 -13.60
CA PRO B 242 8.83 -19.45 -12.66
C PRO B 242 9.73 -20.66 -12.63
N GLN B 243 9.17 -21.85 -12.96
CA GLN B 243 10.00 -23.08 -12.91
C GLN B 243 11.04 -23.08 -13.99
N ASP B 244 10.91 -22.25 -15.04
CA ASP B 244 11.90 -22.28 -16.11
C ASP B 244 13.13 -21.47 -15.85
N TYR B 245 13.18 -20.72 -14.73
CA TYR B 245 14.27 -19.84 -14.42
C TYR B 245 15.06 -20.20 -13.20
N LYS B 246 16.33 -19.84 -13.26
CA LYS B 246 17.17 -20.07 -12.08
C LYS B 246 16.99 -19.02 -11.01
N LYS B 247 16.67 -17.78 -11.37
CA LYS B 247 16.45 -16.71 -10.42
C LYS B 247 14.99 -16.68 -9.97
N PRO B 248 14.79 -16.04 -8.83
CA PRO B 248 13.42 -15.89 -8.36
C PRO B 248 12.65 -14.99 -9.34
N ILE B 249 11.35 -15.33 -9.34
CA ILE B 249 10.45 -14.63 -10.30
C ILE B 249 10.45 -13.11 -10.24
N GLN B 250 10.53 -12.57 -9.02
CA GLN B 250 10.53 -11.10 -8.95
C GLN B 250 11.74 -10.51 -9.65
N GLU B 251 12.92 -11.19 -9.63
CA GLU B 251 14.08 -10.64 -10.30
C GLU B 251 13.96 -10.77 -11.81
N VAL B 252 13.34 -11.87 -12.26
CA VAL B 252 13.13 -12.05 -13.65
C VAL B 252 12.22 -10.91 -14.18
N LEU B 253 11.14 -10.66 -13.44
CA LEU B 253 10.17 -9.59 -13.92
C LEU B 253 10.79 -8.24 -13.84
N THR B 254 11.60 -7.95 -12.81
CA THR B 254 12.29 -6.65 -12.74
C THR B 254 13.21 -6.46 -13.95
N GLU B 255 13.93 -7.52 -14.38
CA GLU B 255 14.76 -7.40 -15.57
C GLU B 255 13.98 -7.23 -16.87
N MET B 256 12.90 -7.97 -16.97
CA MET B 256 12.06 -7.90 -18.19
C MET B 256 11.49 -6.53 -18.41
N SER B 257 11.16 -5.91 -17.25
CA SER B 257 10.56 -4.55 -17.35
C SER B 257 11.53 -3.43 -17.20
N ASN B 258 12.81 -3.71 -17.31
CA ASN B 258 13.86 -2.71 -17.23
C ASN B 258 13.78 -1.84 -15.97
N GLY B 259 13.54 -2.57 -14.87
CA GLY B 259 13.52 -1.90 -13.56
C GLY B 259 12.27 -2.09 -12.69
N GLY B 260 11.34 -2.87 -13.12
CA GLY B 260 10.13 -3.08 -12.31
C GLY B 260 8.87 -2.71 -13.02
N VAL B 261 7.79 -3.44 -12.81
CA VAL B 261 6.53 -3.15 -13.51
C VAL B 261 5.75 -2.01 -12.89
N ASP B 262 4.81 -1.44 -13.64
CA ASP B 262 3.98 -0.37 -13.06
C ASP B 262 2.95 -0.99 -12.13
N PHE B 263 2.35 -2.11 -12.47
CA PHE B 263 1.28 -2.72 -11.70
C PHE B 263 1.46 -4.21 -11.62
N SER B 264 1.43 -4.73 -10.41
CA SER B 264 1.51 -6.18 -10.29
C SER B 264 0.30 -6.64 -9.48
N PHE B 265 -0.14 -7.88 -9.71
CA PHE B 265 -1.30 -8.46 -9.08
C PHE B 265 -1.05 -9.85 -8.57
N GLU B 266 -1.29 -10.15 -7.29
CA GLU B 266 -1.11 -11.52 -6.80
C GLU B 266 -2.50 -12.11 -6.85
N VAL B 267 -2.72 -13.15 -7.70
CA VAL B 267 -4.01 -13.78 -7.85
C VAL B 267 -3.91 -15.28 -7.70
N ILE B 268 -3.15 -15.66 -6.68
CA ILE B 268 -2.90 -17.08 -6.37
C ILE B 268 -3.36 -17.43 -4.96
N GLY B 269 -2.73 -16.73 -4.01
CA GLY B 269 -3.03 -17.03 -2.55
C GLY B 269 -1.80 -17.63 -1.88
N ARG B 270 -0.58 -17.14 -2.13
CA ARG B 270 0.59 -17.68 -1.47
C ARG B 270 1.33 -16.50 -0.86
N LEU B 271 1.91 -16.71 0.34
CA LEU B 271 2.66 -15.62 0.92
C LEU B 271 3.88 -15.22 0.09
N ASP B 272 4.60 -16.26 -0.47
CA ASP B 272 5.79 -15.84 -1.22
C ASP B 272 5.52 -15.10 -2.51
N THR B 273 4.41 -15.43 -3.16
CA THR B 273 4.10 -14.68 -4.39
C THR B 273 3.53 -13.33 -4.01
N MET B 274 2.93 -13.19 -2.83
CA MET B 274 2.49 -11.79 -2.47
C MET B 274 3.72 -10.93 -2.34
N VAL B 275 4.78 -11.39 -1.66
CA VAL B 275 6.01 -10.60 -1.52
C VAL B 275 6.70 -10.48 -2.88
N ALA B 276 6.72 -11.53 -3.70
CA ALA B 276 7.38 -11.40 -5.02
C ALA B 276 6.66 -10.36 -5.88
N ALA B 277 5.32 -10.40 -5.87
CA ALA B 277 4.56 -9.40 -6.67
C ALA B 277 4.89 -8.00 -6.17
N LEU B 278 5.01 -7.77 -4.86
CA LEU B 278 5.35 -6.40 -4.46
C LEU B 278 6.75 -6.08 -4.92
N SER B 279 7.71 -7.03 -4.73
CA SER B 279 9.08 -6.70 -5.15
C SER B 279 9.24 -6.43 -6.63
N CYS B 280 8.42 -7.08 -7.47
CA CYS B 280 8.67 -6.86 -8.91
C CYS B 280 8.13 -5.56 -9.42
N CYS B 281 7.37 -4.82 -8.62
CA CYS B 281 6.91 -3.51 -9.11
C CYS B 281 8.05 -2.50 -8.87
N GLN B 282 7.99 -1.43 -9.71
CA GLN B 282 9.04 -0.39 -9.73
C GLN B 282 9.16 0.23 -8.30
N GLU B 283 10.37 0.34 -7.82
CA GLU B 283 10.57 0.76 -6.40
C GLU B 283 10.07 2.13 -6.08
N ALA B 284 10.01 3.07 -7.02
CA ALA B 284 9.55 4.41 -6.60
C ALA B 284 8.12 4.66 -6.88
N TYR B 285 7.48 4.01 -7.85
CA TYR B 285 6.08 4.28 -8.15
C TYR B 285 5.21 3.08 -8.48
N GLY B 286 5.78 1.89 -8.29
CA GLY B 286 4.97 0.68 -8.61
C GLY B 286 3.83 0.50 -7.61
N VAL B 287 2.84 -0.25 -8.07
CA VAL B 287 1.64 -0.56 -7.27
C VAL B 287 1.43 -2.06 -7.33
N SER B 288 1.22 -2.73 -6.22
CA SER B 288 1.00 -4.17 -6.21
C SER B 288 -0.33 -4.43 -5.53
N VAL B 289 -1.25 -5.17 -6.08
CA VAL B 289 -2.55 -5.46 -5.53
C VAL B 289 -2.64 -6.92 -5.14
N ILE B 290 -3.02 -7.21 -3.89
CA ILE B 290 -3.23 -8.59 -3.45
C ILE B 290 -4.67 -8.97 -3.64
N VAL B 291 -4.92 -9.98 -4.51
CA VAL B 291 -6.25 -10.47 -4.75
C VAL B 291 -6.38 -11.89 -4.19
N GLY B 292 -5.29 -12.66 -4.20
CA GLY B 292 -5.45 -14.05 -3.68
C GLY B 292 -5.66 -14.13 -2.18
N VAL B 293 -6.35 -15.20 -1.75
CA VAL B 293 -6.61 -15.44 -0.32
C VAL B 293 -5.48 -16.30 0.27
N PRO B 294 -4.73 -15.74 1.23
CA PRO B 294 -3.61 -16.50 1.83
C PRO B 294 -4.14 -17.52 2.79
N PRO B 295 -3.32 -18.47 3.19
CA PRO B 295 -3.68 -19.50 4.18
C PRO B 295 -3.97 -18.94 5.54
N ASP B 296 -4.96 -19.60 6.19
CA ASP B 296 -5.37 -19.17 7.49
C ASP B 296 -4.31 -19.03 8.57
N SER B 297 -4.42 -17.96 9.36
CA SER B 297 -3.48 -17.82 10.47
C SER B 297 -2.00 -17.88 10.20
N GLN B 298 -1.57 -17.36 9.04
CA GLN B 298 -0.17 -17.34 8.68
C GLN B 298 0.30 -15.95 8.30
N ASN B 299 1.35 -15.43 8.94
CA ASN B 299 1.83 -14.12 8.58
C ASN B 299 2.91 -14.24 7.51
N LEU B 300 3.09 -13.15 6.77
CA LEU B 300 4.17 -13.11 5.77
C LEU B 300 5.27 -12.28 6.42
N SER B 301 6.45 -12.40 5.89
CA SER B 301 7.67 -11.72 6.28
C SER B 301 8.20 -10.90 5.12
N MET B 302 8.51 -9.62 5.32
CA MET B 302 9.01 -8.81 4.19
C MET B 302 9.90 -7.68 4.70
N ASN B 303 10.69 -7.19 3.76
CA ASN B 303 11.61 -6.07 4.04
C ASN B 303 10.86 -4.79 3.86
N PRO B 304 10.61 -3.95 4.84
CA PRO B 304 9.85 -2.73 4.79
C PRO B 304 10.52 -1.70 3.86
N MET B 305 11.84 -1.83 3.60
CA MET B 305 12.43 -0.91 2.63
C MET B 305 11.77 -1.07 1.28
N LEU B 306 11.06 -2.19 0.97
CA LEU B 306 10.37 -2.30 -0.30
C LEU B 306 9.30 -1.22 -0.43
N LEU B 307 8.67 -0.85 0.73
CA LEU B 307 7.68 0.19 0.70
C LEU B 307 8.29 1.55 0.89
N LEU B 308 9.31 1.77 1.70
CA LEU B 308 9.88 3.10 1.92
C LEU B 308 10.35 3.78 0.64
N SER B 309 10.81 3.00 -0.33
CA SER B 309 11.26 3.65 -1.58
C SER B 309 10.16 4.29 -2.35
N GLY B 310 8.88 3.92 -2.10
CA GLY B 310 7.79 4.56 -2.85
C GLY B 310 6.71 3.56 -3.33
N ARG B 311 6.86 2.30 -3.20
CA ARG B 311 5.81 1.37 -3.64
C ARG B 311 4.52 1.48 -2.87
N THR B 312 3.44 1.11 -3.44
CA THR B 312 2.11 1.07 -2.88
C THR B 312 1.69 -0.36 -2.88
N TRP B 313 1.17 -0.85 -1.73
CA TRP B 313 0.72 -2.23 -1.64
C TRP B 313 -0.72 -2.20 -1.21
N LYS B 314 -1.67 -2.80 -1.81
CA LYS B 314 -3.04 -2.76 -1.38
C LYS B 314 -3.75 -4.06 -1.66
N GLY B 315 -4.85 -4.30 -1.02
CA GLY B 315 -5.56 -5.53 -1.41
C GLY B 315 -6.96 -5.16 -1.64
N ALA B 316 -7.74 -6.06 -2.20
CA ALA B 316 -9.13 -5.70 -2.37
C ALA B 316 -9.96 -6.96 -2.48
N ILE B 317 -11.22 -6.74 -2.11
CA ILE B 317 -12.23 -7.77 -2.21
C ILE B 317 -13.17 -7.37 -3.32
N PHE B 318 -13.57 -8.34 -4.15
CA PHE B 318 -14.55 -8.15 -5.23
C PHE B 318 -14.22 -6.99 -6.11
N GLY B 319 -12.92 -6.87 -6.43
CA GLY B 319 -12.47 -5.81 -7.37
C GLY B 319 -12.71 -4.40 -6.93
N GLY B 320 -12.96 -4.15 -5.66
CA GLY B 320 -13.25 -2.81 -5.14
C GLY B 320 -14.69 -2.39 -5.46
N PHE B 321 -15.47 -3.20 -6.15
CA PHE B 321 -16.81 -2.70 -6.47
C PHE B 321 -17.79 -2.67 -5.31
N LYS B 322 -18.56 -1.59 -5.21
CA LYS B 322 -19.66 -1.59 -4.21
C LYS B 322 -20.62 -2.53 -4.90
N SER B 323 -21.03 -3.58 -4.22
CA SER B 323 -21.78 -4.65 -4.88
C SER B 323 -23.18 -4.43 -5.43
N LYS B 324 -24.07 -3.87 -4.65
CA LYS B 324 -25.43 -3.74 -5.20
C LYS B 324 -25.46 -2.71 -6.28
N ASP B 325 -24.63 -1.67 -6.21
CA ASP B 325 -24.59 -0.66 -7.22
C ASP B 325 -23.94 -1.20 -8.49
N SER B 326 -22.87 -2.00 -8.33
CA SER B 326 -22.11 -2.44 -9.47
C SER B 326 -22.56 -3.68 -10.20
N VAL B 327 -23.08 -4.69 -9.53
CA VAL B 327 -23.49 -5.92 -10.24
C VAL B 327 -24.49 -5.68 -11.41
N PRO B 328 -25.55 -4.92 -11.22
CA PRO B 328 -26.49 -4.72 -12.30
C PRO B 328 -25.84 -3.97 -13.46
N LYS B 329 -24.93 -3.06 -13.15
CA LYS B 329 -24.25 -2.30 -14.20
C LYS B 329 -23.31 -3.17 -15.01
N LEU B 330 -22.61 -4.11 -14.27
CA LEU B 330 -21.70 -4.99 -14.98
C LEU B 330 -22.49 -5.95 -15.87
N VAL B 331 -23.66 -6.41 -15.40
CA VAL B 331 -24.47 -7.28 -16.25
C VAL B 331 -24.94 -6.45 -17.46
N ALA B 332 -25.35 -5.21 -17.24
CA ALA B 332 -25.80 -4.42 -18.44
C ALA B 332 -24.66 -4.24 -19.38
N ASP B 333 -23.44 -4.07 -18.90
CA ASP B 333 -22.24 -3.92 -19.72
C ASP B 333 -22.05 -5.23 -20.50
N PHE B 334 -22.20 -6.41 -19.89
CA PHE B 334 -22.10 -7.67 -20.58
C PHE B 334 -23.15 -7.74 -21.70
N MET B 335 -24.39 -7.34 -21.39
CA MET B 335 -25.45 -7.39 -22.46
C MET B 335 -25.09 -6.46 -23.59
N ALA B 336 -24.33 -5.44 -23.36
CA ALA B 336 -23.94 -4.47 -24.42
C ALA B 336 -22.62 -4.85 -25.05
N LYS B 337 -22.10 -6.04 -24.74
CA LYS B 337 -20.88 -6.57 -25.29
C LYS B 337 -19.62 -5.77 -24.93
N LYS B 338 -19.63 -5.18 -23.71
CA LYS B 338 -18.45 -4.45 -23.27
C LYS B 338 -17.29 -5.36 -22.80
N PHE B 339 -17.66 -6.56 -22.37
CA PHE B 339 -16.60 -7.53 -21.98
C PHE B 339 -17.14 -8.92 -22.33
N ALA B 340 -16.34 -9.94 -22.31
CA ALA B 340 -16.70 -11.31 -22.61
C ALA B 340 -16.52 -12.23 -21.42
N LEU B 341 -17.41 -13.21 -21.31
CA LEU B 341 -17.34 -14.18 -20.21
C LEU B 341 -17.05 -15.55 -20.73
N ASP B 342 -17.35 -15.86 -22.00
CA ASP B 342 -17.06 -17.22 -22.49
C ASP B 342 -15.60 -17.65 -22.31
N PRO B 343 -14.58 -16.86 -22.52
CA PRO B 343 -13.20 -17.29 -22.31
C PRO B 343 -12.95 -17.89 -20.94
N LEU B 344 -13.70 -17.45 -19.93
CA LEU B 344 -13.49 -18.02 -18.61
C LEU B 344 -14.19 -19.34 -18.37
N ILE B 345 -15.16 -19.78 -19.19
CA ILE B 345 -15.92 -20.99 -18.97
C ILE B 345 -15.32 -22.13 -19.78
N THR B 346 -14.71 -23.07 -19.08
CA THR B 346 -14.13 -24.18 -19.81
C THR B 346 -14.95 -25.42 -19.71
N HIS B 347 -15.84 -25.58 -18.76
CA HIS B 347 -16.61 -26.76 -18.51
C HIS B 347 -17.97 -26.46 -17.96
N VAL B 348 -18.98 -27.26 -18.27
CA VAL B 348 -20.35 -27.10 -17.80
C VAL B 348 -20.77 -28.47 -17.29
N LEU B 349 -21.38 -28.46 -16.12
CA LEU B 349 -21.87 -29.70 -15.55
C LEU B 349 -23.17 -29.53 -14.82
N PRO B 350 -24.02 -30.53 -14.62
CA PRO B 350 -25.19 -30.37 -13.79
C PRO B 350 -24.71 -30.21 -12.35
N PHE B 351 -25.52 -29.56 -11.51
CA PHE B 351 -25.20 -29.37 -10.10
C PHE B 351 -24.90 -30.67 -9.37
N GLU B 352 -25.61 -31.76 -9.77
CA GLU B 352 -25.43 -33.07 -9.17
C GLU B 352 -23.99 -33.56 -9.33
N LYS B 353 -23.22 -33.02 -10.26
CA LYS B 353 -21.84 -33.40 -10.47
C LYS B 353 -20.87 -32.33 -9.93
N ILE B 354 -21.28 -31.72 -8.83
CA ILE B 354 -20.43 -30.69 -8.21
C ILE B 354 -19.06 -31.24 -7.87
N ASN B 355 -19.00 -32.47 -7.28
CA ASN B 355 -17.67 -33.00 -6.93
C ASN B 355 -16.78 -33.12 -8.13
N GLU B 356 -17.29 -33.55 -9.31
CA GLU B 356 -16.48 -33.61 -10.50
C GLU B 356 -15.97 -32.23 -10.88
N GLY B 357 -16.80 -31.19 -10.66
CA GLY B 357 -16.42 -29.81 -10.96
C GLY B 357 -15.23 -29.39 -10.09
N PHE B 358 -15.27 -29.77 -8.81
CA PHE B 358 -14.15 -29.44 -7.92
C PHE B 358 -12.92 -30.27 -8.32
N ASP B 359 -13.13 -31.53 -8.74
CA ASP B 359 -11.97 -32.34 -9.18
C ASP B 359 -11.33 -31.69 -10.39
N LEU B 360 -12.17 -31.12 -11.32
CA LEU B 360 -11.59 -30.46 -12.48
C LEU B 360 -10.68 -29.30 -12.05
N LEU B 361 -11.18 -28.49 -11.10
CA LEU B 361 -10.37 -27.36 -10.63
C LEU B 361 -9.06 -27.80 -9.98
N ARG B 362 -9.22 -28.75 -9.08
CA ARG B 362 -7.98 -29.20 -8.44
C ARG B 362 -7.00 -29.90 -9.36
N SER B 363 -7.46 -30.47 -10.47
CA SER B 363 -6.55 -31.15 -11.39
C SER B 363 -5.73 -30.20 -12.22
N GLY B 364 -6.17 -28.91 -12.32
CA GLY B 364 -5.48 -27.89 -13.08
C GLY B 364 -6.08 -27.76 -14.50
N LYS B 365 -7.07 -28.54 -14.86
CA LYS B 365 -7.69 -28.52 -16.17
C LYS B 365 -8.77 -27.51 -16.51
N SER B 366 -9.38 -26.94 -15.45
CA SER B 366 -10.43 -25.99 -15.70
C SER B 366 -10.12 -24.55 -15.25
N ILE B 367 -10.96 -23.64 -15.77
CA ILE B 367 -10.81 -22.23 -15.36
C ILE B 367 -12.13 -22.18 -14.58
N ARG B 368 -13.24 -21.84 -15.22
CA ARG B 368 -14.49 -21.94 -14.46
C ARG B 368 -15.41 -23.04 -15.03
N THR B 369 -15.90 -23.88 -14.12
CA THR B 369 -16.90 -24.89 -14.34
C THR B 369 -18.19 -24.18 -13.87
N ILE B 370 -19.23 -24.17 -14.73
CA ILE B 370 -20.53 -23.62 -14.37
C ILE B 370 -21.50 -24.77 -14.09
N LEU B 371 -22.11 -24.78 -12.91
CA LEU B 371 -23.07 -25.82 -12.55
C LEU B 371 -24.46 -25.37 -12.86
N THR B 372 -25.26 -26.23 -13.50
CA THR B 372 -26.67 -25.90 -13.82
C THR B 372 -27.62 -26.68 -12.91
N PHE B 373 -28.58 -25.97 -12.31
CA PHE B 373 -29.54 -26.60 -11.43
C PHE B 373 -30.74 -27.19 -12.18
#